data_2JEZ
#
_entry.id   2JEZ
#
_cell.length_a   76.920
_cell.length_b   108.940
_cell.length_c   220.320
_cell.angle_alpha   90.00
_cell.angle_beta   90.00
_cell.angle_gamma   90.00
#
_symmetry.space_group_name_H-M   'P 21 21 21'
#
loop_
_entity.id
_entity.type
_entity.pdbx_description
1 polymer ACETYLCHOLINESTERASE
2 non-polymer 1-[({2,4-BIS[(E)-(HYDROXYIMINO)METHYL]PYRIDINIUM-1-YL}METHOXY)METHYL]-4-CARBAMOYLPYRIDINIUM
3 non-polymer 'HEXAETHYLENE GLYCOL'
4 water water
#
_entity_poly.entity_id   1
_entity_poly.type   'polypeptide(L)'
_entity_poly.pdbx_seq_one_letter_code
;EGREDPQLLVRVRGGQLRGIRLKAPGGPVSAFLGIPFAEPPVGSRRFMPPEPKRPWSGVLDATTFQNVCYQYVDTLYPGF
EGTEMWNPNRELSEDCLYLNVWTPYPRPASPTPVLIWIYGGGFYSGAASLDVYDGRFLAQVEGAVLVSMNYRVGTFGFLA
LPGSREAPGNVGLLDQRLALQWVQENIAAFGGDPMSVTLFGE(SUN)AGAASVGMHILSLPSRSLFHRAVLQSGTPNGPW
ATVSAGEARRRATLLARLVGCPPGGAGGNDTELIACLRTRPAQDLVDHEWHVLPQESIFRFSFVPVVDGDFLSDTPEALI
NTGDFQDLQVLVGVVKDEGSYFLVYGVPGFSKDNESLISRAQFLAGVRIGVPQASDLAAEAVVLHYTDWLHPEDPTHLRD
AMSAVVGDHNVVCPVAQLAGRLAAQGARVYAYIFEHRASTLTWPLWMGVPHGYEIEFIFGLPLDPSLNYTTEERIFAQRL
MKYWTNFARTGDPNDPRDSKSPQWPPYTTAAQQYVSLNLKPLEVRRGLRAQTCAFWNRFLPKLLSATATEAP
;
_entity_poly.pdbx_strand_id   A,B
#
loop_
_chem_comp.id
_chem_comp.type
_chem_comp.name
_chem_comp.formula
HLO non-polymer 1-[({2,4-BIS[(E)-(HYDROXYIMINO)METHYL]PYRIDINIUM-1-YL}METHOXY)METHYL]-4-CARBAMOYLPYRIDINIUM 'C15 H17 N5 O4 2'
P6G non-polymer 'HEXAETHYLENE GLYCOL' 'C12 H26 O7'
#
# COMPACT_ATOMS: atom_id res chain seq x y z
N GLU A 1 49.80 7.24 -44.85
CA GLU A 1 48.55 7.87 -45.34
C GLU A 1 48.65 8.15 -46.82
N GLY A 2 47.53 8.03 -47.52
CA GLY A 2 47.47 8.43 -48.91
C GLY A 2 46.78 7.42 -49.76
N ARG A 3 46.91 6.15 -49.38
CA ARG A 3 46.30 5.05 -50.14
C ARG A 3 44.91 4.65 -49.59
N GLU A 4 44.56 5.20 -48.43
CA GLU A 4 43.37 4.79 -47.68
C GLU A 4 42.22 5.79 -47.73
N ASP A 5 41.11 5.39 -47.13
CA ASP A 5 39.87 6.13 -47.19
C ASP A 5 40.00 7.49 -46.50
N PRO A 6 39.92 8.57 -47.29
CA PRO A 6 40.15 9.91 -46.73
C PRO A 6 39.13 10.35 -45.68
N GLN A 7 38.03 9.62 -45.57
CA GLN A 7 36.98 9.98 -44.61
C GLN A 7 37.11 9.31 -43.27
N LEU A 8 38.18 8.56 -43.10
CA LEU A 8 38.41 7.82 -41.88
C LEU A 8 39.59 8.36 -41.11
N LEU A 9 40.23 9.38 -41.67
CA LEU A 9 41.39 9.93 -41.01
C LEU A 9 40.93 11.15 -40.28
N VAL A 10 41.02 11.10 -38.95
CA VAL A 10 40.65 12.25 -38.14
C VAL A 10 41.77 12.52 -37.16
N ARG A 11 41.99 13.79 -36.86
CA ARG A 11 42.89 14.16 -35.82
C ARG A 11 42.08 14.58 -34.64
N VAL A 12 42.52 14.14 -33.47
CA VAL A 12 41.98 14.59 -32.21
C VAL A 12 43.16 15.16 -31.41
N ARG A 13 42.89 15.70 -30.22
CA ARG A 13 43.89 16.39 -29.43
C ARG A 13 45.14 15.55 -29.20
N GLY A 14 44.97 14.25 -29.09
CA GLY A 14 46.08 13.37 -28.79
C GLY A 14 46.76 12.87 -30.05
N GLY A 15 46.17 13.15 -31.19
CA GLY A 15 46.83 12.76 -32.43
C GLY A 15 45.90 12.26 -33.50
N GLN A 16 46.49 11.53 -34.44
CA GLN A 16 45.79 11.08 -35.61
C GLN A 16 45.12 9.73 -35.43
N LEU A 17 43.88 9.64 -35.88
CA LEU A 17 43.12 8.41 -35.81
C LEU A 17 42.73 7.95 -37.18
N ARG A 18 42.80 6.63 -37.39
CA ARG A 18 42.18 6.04 -38.56
C ARG A 18 41.02 5.21 -38.08
N GLY A 19 39.82 5.58 -38.53
CA GLY A 19 38.63 4.83 -38.20
C GLY A 19 38.33 3.78 -39.22
N ILE A 20 37.12 3.25 -39.16
CA ILE A 20 36.72 2.21 -40.05
C ILE A 20 35.36 2.56 -40.62
N ARG A 21 35.21 2.31 -41.92
CA ARG A 21 33.95 2.47 -42.59
C ARG A 21 33.21 1.18 -42.28
N LEU A 22 32.18 1.29 -41.47
CA LEU A 22 31.37 0.15 -41.10
C LEU A 22 30.06 0.13 -41.87
N LYS A 23 29.61 -1.07 -42.26
CA LYS A 23 28.31 -1.24 -42.92
C LYS A 23 27.17 -1.25 -41.91
N ALA A 24 26.32 -0.24 -41.97
CA ALA A 24 25.02 -0.34 -41.33
C ALA A 24 23.97 -0.68 -42.40
N PRO A 25 22.82 -1.20 -41.97
CA PRO A 25 21.83 -1.67 -42.93
C PRO A 25 21.50 -0.62 -44.00
N GLY A 26 21.37 0.63 -43.59
CA GLY A 26 20.94 1.68 -44.52
C GLY A 26 22.10 2.35 -45.23
N GLY A 27 23.32 1.86 -45.02
CA GLY A 27 24.51 2.48 -45.59
C GLY A 27 25.69 2.51 -44.62
N PRO A 28 26.80 3.15 -45.02
CA PRO A 28 28.00 3.05 -44.20
C PRO A 28 28.05 4.06 -43.07
N VAL A 29 28.80 3.75 -42.03
CA VAL A 29 29.05 4.68 -40.93
C VAL A 29 30.54 4.76 -40.67
N SER A 30 30.99 5.84 -40.04
CA SER A 30 32.39 5.93 -39.68
C SER A 30 32.50 5.51 -38.24
N ALA A 31 33.37 4.56 -37.95
CA ALA A 31 33.58 4.21 -36.58
C ALA A 31 35.02 4.46 -36.19
N PHE A 32 35.24 5.13 -35.07
CA PHE A 32 36.59 5.27 -34.55
C PHE A 32 36.56 4.58 -33.22
N LEU A 33 37.10 3.37 -33.21
CA LEU A 33 36.95 2.50 -32.06
C LEU A 33 38.25 2.37 -31.30
N GLY A 34 38.16 2.27 -29.98
CA GLY A 34 39.35 2.15 -29.16
C GLY A 34 40.26 3.37 -29.25
N ILE A 35 39.68 4.56 -29.22
CA ILE A 35 40.44 5.79 -29.12
C ILE A 35 40.77 5.97 -27.65
N PRO A 36 42.05 6.01 -27.31
CA PRO A 36 42.46 6.16 -25.92
C PRO A 36 42.11 7.56 -25.45
N PHE A 37 41.53 7.68 -24.27
CA PHE A 37 41.18 9.00 -23.77
C PHE A 37 41.85 9.25 -22.46
N ALA A 38 42.57 8.24 -22.00
CA ALA A 38 43.31 8.32 -20.75
C ALA A 38 44.57 7.51 -20.87
N GLU A 39 45.50 7.82 -19.99
CA GLU A 39 46.66 6.98 -19.83
C GLU A 39 46.14 5.68 -19.24
N PRO A 40 46.67 4.55 -19.72
CA PRO A 40 46.22 3.31 -19.17
C PRO A 40 46.26 3.40 -17.67
N PRO A 41 45.11 3.26 -16.99
CA PRO A 41 45.13 3.38 -15.56
C PRO A 41 45.70 2.08 -14.95
N VAL A 42 46.90 1.74 -15.40
CA VAL A 42 47.59 0.52 -14.98
C VAL A 42 48.67 0.79 -13.95
N GLY A 43 49.17 -0.29 -13.35
CA GLY A 43 50.30 -0.24 -12.45
C GLY A 43 50.00 0.67 -11.30
N SER A 44 50.81 1.70 -11.15
CA SER A 44 50.68 2.65 -10.05
C SER A 44 49.45 3.57 -10.21
N ARG A 45 48.84 3.54 -11.40
CA ARG A 45 47.70 4.40 -11.69
C ARG A 45 46.38 3.70 -11.37
N ARG A 46 46.48 2.44 -10.93
CA ARG A 46 45.29 1.70 -10.53
C ARG A 46 44.66 2.40 -9.34
N PHE A 47 43.32 2.47 -9.34
CA PHE A 47 42.54 3.21 -8.34
C PHE A 47 42.67 4.73 -8.45
N MET A 48 43.65 5.20 -9.21
CA MET A 48 43.87 6.64 -9.40
C MET A 48 42.92 7.22 -10.46
N PRO A 49 42.53 8.49 -10.30
CA PRO A 49 41.81 9.22 -11.34
C PRO A 49 42.49 9.03 -12.67
N PRO A 50 41.72 9.08 -13.76
CA PRO A 50 42.40 8.89 -15.01
C PRO A 50 43.21 10.13 -15.31
N GLU A 51 44.36 9.94 -15.91
CA GLU A 51 45.11 11.05 -16.45
C GLU A 51 44.81 11.12 -17.94
N PRO A 52 44.66 12.35 -18.47
CA PRO A 52 44.48 12.55 -19.89
C PRO A 52 45.45 11.72 -20.73
N LYS A 53 44.97 11.19 -21.83
CA LYS A 53 45.78 10.41 -22.73
C LYS A 53 46.89 11.29 -23.28
N ARG A 54 48.13 10.89 -23.06
CA ARG A 54 49.26 11.64 -23.57
C ARG A 54 49.22 11.51 -25.10
N PRO A 55 49.42 12.60 -25.84
CA PRO A 55 49.37 12.50 -27.30
C PRO A 55 50.27 11.39 -27.84
N TRP A 56 49.84 10.76 -28.93
CA TRP A 56 50.60 9.69 -29.54
C TRP A 56 51.13 10.16 -30.87
N SER A 57 52.07 9.42 -31.41
CA SER A 57 52.58 9.80 -32.71
C SER A 57 52.12 8.82 -33.76
N GLY A 58 52.04 9.31 -34.99
CA GLY A 58 51.53 8.53 -36.09
C GLY A 58 50.02 8.40 -36.00
N VAL A 59 49.50 7.57 -36.88
CA VAL A 59 48.08 7.39 -36.98
C VAL A 59 47.73 6.20 -36.12
N LEU A 60 46.99 6.48 -35.05
CA LEU A 60 46.44 5.47 -34.19
C LEU A 60 45.36 4.76 -34.95
N ASP A 61 45.42 3.43 -34.93
CA ASP A 61 44.39 2.66 -35.54
C ASP A 61 43.20 2.58 -34.61
N ALA A 62 42.05 3.05 -35.09
CA ALA A 62 40.82 3.11 -34.32
C ALA A 62 39.72 2.34 -35.06
N THR A 63 40.06 1.12 -35.45
CA THR A 63 39.24 0.34 -36.34
C THR A 63 38.63 -0.85 -35.62
N THR A 64 39.09 -1.10 -34.39
CA THR A 64 38.58 -2.23 -33.62
C THR A 64 38.34 -1.75 -32.20
N PHE A 65 37.43 -2.41 -31.50
CA PHE A 65 37.23 -2.09 -30.10
C PHE A 65 38.46 -2.41 -29.32
N GLN A 66 38.67 -1.66 -28.25
CA GLN A 66 39.79 -1.90 -27.40
C GLN A 66 39.42 -2.73 -26.21
N ASN A 67 40.42 -3.02 -25.40
CA ASN A 67 40.22 -3.78 -24.19
C ASN A 67 39.04 -3.30 -23.41
N VAL A 68 38.33 -4.27 -22.87
CA VAL A 68 37.30 -4.07 -21.90
C VAL A 68 37.97 -3.95 -20.53
N CYS A 69 37.43 -3.07 -19.70
CA CYS A 69 37.97 -2.87 -18.36
C CYS A 69 37.91 -4.12 -17.53
N TYR A 70 38.97 -4.36 -16.79
CA TYR A 70 39.07 -5.62 -16.07
C TYR A 70 37.85 -5.79 -15.19
N GLN A 71 37.19 -6.94 -15.37
CA GLN A 71 35.93 -7.14 -14.68
C GLN A 71 35.59 -8.60 -14.50
N TYR A 72 34.70 -8.82 -13.55
CA TYR A 72 34.06 -10.09 -13.33
C TYR A 72 33.26 -10.48 -14.57
N VAL A 73 33.41 -11.73 -15.00
CA VAL A 73 32.65 -12.28 -16.13
C VAL A 73 31.53 -13.15 -15.56
N ASP A 74 30.27 -12.77 -15.79
CA ASP A 74 29.15 -13.53 -15.23
C ASP A 74 29.13 -14.95 -15.83
N THR A 75 29.06 -15.95 -14.97
CA THR A 75 29.18 -17.33 -15.44
C THR A 75 28.05 -18.24 -14.96
N LEU A 76 26.93 -17.64 -14.58
CA LEU A 76 25.77 -18.37 -14.11
C LEU A 76 25.15 -19.26 -15.20
N TYR A 77 25.11 -18.76 -16.43
CA TYR A 77 24.55 -19.52 -17.53
C TYR A 77 25.49 -19.56 -18.73
N PRO A 78 26.56 -20.37 -18.63
CA PRO A 78 27.60 -20.43 -19.68
C PRO A 78 27.03 -20.86 -21.02
N GLY A 79 27.21 -20.02 -22.04
CA GLY A 79 26.74 -20.33 -23.39
C GLY A 79 25.38 -19.70 -23.67
N PHE A 80 24.66 -19.40 -22.59
CA PHE A 80 23.38 -18.71 -22.68
C PHE A 80 23.59 -17.29 -23.20
N GLU A 81 22.87 -16.95 -24.27
CA GLU A 81 23.01 -15.67 -24.95
C GLU A 81 22.64 -14.50 -24.03
N GLY A 82 21.55 -14.68 -23.29
CA GLY A 82 21.02 -13.64 -22.44
C GLY A 82 22.01 -13.12 -21.40
N THR A 83 22.98 -13.95 -21.04
CA THR A 83 24.02 -13.49 -20.14
C THR A 83 25.31 -13.14 -20.91
N GLU A 84 25.53 -13.79 -22.05
CA GLU A 84 26.76 -13.62 -22.82
C GLU A 84 26.82 -12.25 -23.49
N MET A 85 25.69 -11.73 -23.97
CA MET A 85 25.63 -10.41 -24.61
C MET A 85 26.13 -9.25 -23.72
N TRP A 86 26.25 -9.52 -22.42
CA TRP A 86 26.69 -8.53 -21.47
C TRP A 86 28.14 -8.78 -21.17
N ASN A 87 28.57 -9.97 -21.54
CA ASN A 87 29.91 -10.39 -21.21
C ASN A 87 30.93 -9.67 -22.08
N PRO A 88 32.12 -9.39 -21.52
CA PRO A 88 33.17 -8.65 -22.23
C PRO A 88 33.43 -9.35 -23.53
N ASN A 89 33.62 -8.58 -24.58
CA ASN A 89 33.76 -9.15 -25.89
C ASN A 89 35.06 -8.71 -26.48
N ARG A 90 35.92 -8.20 -25.61
CA ARG A 90 37.30 -7.89 -25.96
C ARG A 90 38.14 -8.27 -24.77
N GLU A 91 39.44 -8.29 -24.95
CA GLU A 91 40.33 -8.68 -23.91
C GLU A 91 40.07 -7.87 -22.65
N LEU A 92 40.07 -8.56 -21.52
CA LEU A 92 39.99 -7.92 -20.22
C LEU A 92 41.35 -7.37 -19.86
N SER A 93 41.39 -6.06 -19.67
CA SER A 93 42.63 -5.41 -19.30
C SER A 93 42.31 -4.19 -18.50
N GLU A 94 43.23 -3.83 -17.60
CA GLU A 94 43.11 -2.60 -16.87
C GLU A 94 43.40 -1.46 -17.79
N ASP A 95 44.13 -1.76 -18.85
CA ASP A 95 44.36 -0.81 -19.90
C ASP A 95 43.13 -0.89 -20.78
N CYS A 96 42.16 -0.05 -20.46
CA CYS A 96 40.85 -0.19 -21.05
C CYS A 96 40.16 1.15 -21.28
N LEU A 97 40.82 2.24 -20.91
CA LEU A 97 40.22 3.56 -21.04
C LEU A 97 40.30 4.05 -22.48
N TYR A 98 39.41 3.49 -23.28
CA TYR A 98 39.32 3.80 -24.68
C TYR A 98 37.88 4.14 -24.91
N LEU A 99 37.63 5.07 -25.82
CA LEU A 99 36.26 5.35 -26.20
C LEU A 99 36.06 5.06 -27.67
N ASN A 100 34.81 5.17 -28.09
CA ASN A 100 34.40 4.81 -29.42
C ASN A 100 33.55 5.90 -29.97
N VAL A 101 33.68 6.15 -31.27
CA VAL A 101 32.87 7.15 -31.94
C VAL A 101 32.30 6.56 -33.21
N TRP A 102 30.99 6.67 -33.36
CA TRP A 102 30.33 6.38 -34.61
C TRP A 102 29.77 7.69 -35.07
N THR A 103 29.98 7.98 -36.35
CA THR A 103 29.40 9.13 -36.96
C THR A 103 28.90 8.64 -38.30
N PRO A 104 27.93 9.37 -38.89
CA PRO A 104 27.59 9.22 -40.29
C PRO A 104 28.82 9.11 -41.14
N TYR A 105 28.63 8.58 -42.35
CA TYR A 105 29.70 8.48 -43.31
C TYR A 105 29.12 8.92 -44.64
N PRO A 106 29.71 9.94 -45.26
CA PRO A 106 30.86 10.67 -44.73
C PRO A 106 30.44 11.37 -43.46
N ARG A 107 31.41 11.82 -42.66
CA ARG A 107 31.12 12.51 -41.41
C ARG A 107 30.20 13.69 -41.65
N PRO A 108 29.35 13.99 -40.66
CA PRO A 108 28.35 15.03 -40.87
C PRO A 108 28.94 16.36 -41.30
N ALA A 109 28.28 16.96 -42.29
CA ALA A 109 28.60 18.28 -42.83
C ALA A 109 28.59 19.38 -41.72
N SER A 110 27.46 19.49 -41.02
CA SER A 110 27.28 20.45 -39.92
C SER A 110 27.38 19.79 -38.53
N PRO A 111 27.83 20.54 -37.50
CA PRO A 111 27.90 19.99 -36.15
C PRO A 111 26.63 19.21 -35.70
N THR A 112 26.80 17.91 -35.46
CA THR A 112 25.73 17.01 -35.12
C THR A 112 25.66 16.77 -33.61
N PRO A 113 24.43 16.73 -33.07
CA PRO A 113 24.24 16.39 -31.67
C PRO A 113 24.90 15.06 -31.32
N VAL A 114 25.62 15.05 -30.20
CA VAL A 114 26.43 13.93 -29.77
C VAL A 114 25.68 13.14 -28.72
N LEU A 115 25.58 11.83 -28.93
CA LEU A 115 25.08 10.97 -27.87
C LEU A 115 26.27 10.25 -27.25
N ILE A 116 26.44 10.42 -25.95
CA ILE A 116 27.45 9.64 -25.23
C ILE A 116 26.80 8.54 -24.41
N TRP A 117 27.11 7.31 -24.78
CA TRP A 117 26.63 6.15 -24.07
C TRP A 117 27.54 5.82 -22.92
N ILE A 118 26.94 5.66 -21.75
CA ILE A 118 27.64 5.09 -20.63
C ILE A 118 26.94 3.78 -20.34
N TYR A 119 27.66 2.68 -20.56
CA TYR A 119 27.10 1.37 -20.31
C TYR A 119 26.87 1.11 -18.84
N GLY A 120 25.92 0.23 -18.53
CA GLY A 120 25.77 -0.31 -17.19
C GLY A 120 26.57 -1.58 -17.09
N GLY A 121 26.22 -2.36 -16.08
CA GLY A 121 27.01 -3.50 -15.65
C GLY A 121 27.22 -3.47 -14.15
N GLY A 122 26.33 -2.80 -13.44
CA GLY A 122 26.35 -2.72 -11.98
C GLY A 122 27.64 -2.13 -11.45
N PHE A 123 28.33 -1.35 -12.29
CA PHE A 123 29.62 -0.76 -11.91
C PHE A 123 30.73 -1.78 -11.70
N TYR A 124 30.46 -3.03 -12.06
CA TYR A 124 31.47 -4.06 -11.93
C TYR A 124 31.68 -4.72 -13.30
N SER A 125 30.88 -4.33 -14.27
CA SER A 125 31.02 -4.91 -15.59
C SER A 125 30.55 -3.95 -16.64
N GLY A 126 30.64 -4.40 -17.88
CA GLY A 126 30.21 -3.61 -19.00
C GLY A 126 31.39 -3.23 -19.83
N ALA A 127 31.08 -2.74 -21.02
CA ALA A 127 32.09 -2.48 -22.02
C ALA A 127 31.36 -1.73 -23.12
N ALA A 128 31.95 -0.68 -23.66
CA ALA A 128 31.28 0.08 -24.69
C ALA A 128 31.27 -0.68 -25.98
N SER A 129 31.86 -1.88 -25.99
CA SER A 129 32.07 -2.64 -27.23
C SER A 129 31.08 -3.79 -27.43
N LEU A 130 30.15 -3.91 -26.49
CA LEU A 130 29.11 -4.90 -26.60
C LEU A 130 28.31 -4.62 -27.85
N ASP A 131 27.78 -5.67 -28.45
CA ASP A 131 26.99 -5.52 -29.64
C ASP A 131 25.80 -4.62 -29.41
N VAL A 132 25.18 -4.71 -28.24
CA VAL A 132 24.01 -3.90 -27.98
C VAL A 132 24.31 -2.42 -27.86
N TYR A 133 25.58 -2.07 -27.77
CA TYR A 133 25.94 -0.67 -27.68
C TYR A 133 26.40 -0.14 -29.01
N ASP A 134 26.33 -0.98 -30.03
CA ASP A 134 26.76 -0.61 -31.38
C ASP A 134 26.13 0.69 -31.85
N GLY A 135 26.97 1.69 -32.07
CA GLY A 135 26.47 3.00 -32.45
C GLY A 135 26.14 3.15 -33.92
N ARG A 136 26.46 2.14 -34.71
CA ARG A 136 26.31 2.28 -36.17
C ARG A 136 24.90 2.67 -36.57
N PHE A 137 23.89 2.07 -35.95
CA PHE A 137 22.51 2.32 -36.35
C PHE A 137 22.08 3.74 -36.05
N LEU A 138 22.38 4.23 -34.85
CA LEU A 138 22.05 5.59 -34.49
C LEU A 138 22.84 6.58 -35.33
N ALA A 139 24.07 6.20 -35.65
CA ALA A 139 24.92 6.98 -36.51
C ALA A 139 24.37 6.99 -37.94
N GLN A 140 24.07 5.80 -38.49
CA GLN A 140 23.62 5.71 -39.89
C GLN A 140 22.23 6.29 -40.07
N VAL A 141 21.30 5.89 -39.23
CA VAL A 141 19.91 6.18 -39.47
C VAL A 141 19.57 7.58 -39.00
N GLU A 142 20.10 7.95 -37.85
CA GLU A 142 19.72 9.20 -37.21
C GLU A 142 20.73 10.29 -37.43
N GLY A 143 21.81 9.96 -38.11
CA GLY A 143 22.89 10.91 -38.36
C GLY A 143 23.59 11.30 -37.08
N ALA A 144 23.43 10.50 -36.03
CA ALA A 144 23.89 10.88 -34.69
C ALA A 144 25.37 10.64 -34.57
N VAL A 145 26.06 11.50 -33.83
CA VAL A 145 27.43 11.17 -33.46
C VAL A 145 27.32 10.43 -32.13
N LEU A 146 27.57 9.14 -32.16
CA LEU A 146 27.47 8.37 -30.96
C LEU A 146 28.87 8.15 -30.42
N VAL A 147 29.04 8.45 -29.14
CA VAL A 147 30.27 8.15 -28.44
C VAL A 147 29.98 7.28 -27.25
N SER A 148 30.76 6.23 -27.09
CA SER A 148 30.67 5.41 -25.89
C SER A 148 32.08 5.24 -25.37
N MET A 149 32.26 5.26 -24.05
CA MET A 149 33.59 5.05 -23.47
C MET A 149 33.60 3.85 -22.56
N ASN A 150 34.77 3.23 -22.46
CA ASN A 150 34.98 2.30 -21.37
C ASN A 150 35.34 3.11 -20.16
N TYR A 151 34.84 2.70 -19.02
CA TYR A 151 35.28 3.32 -17.79
C TYR A 151 35.54 2.16 -16.87
N ARG A 152 36.45 2.34 -15.93
CA ARG A 152 36.81 1.27 -15.03
C ARG A 152 35.68 0.87 -14.15
N VAL A 153 35.49 -0.42 -14.04
CA VAL A 153 34.40 -0.94 -13.25
C VAL A 153 34.97 -1.74 -12.09
N GLY A 154 34.11 -2.15 -11.18
CA GLY A 154 34.54 -2.93 -10.05
C GLY A 154 35.53 -2.14 -9.25
N THR A 155 36.45 -2.86 -8.60
CA THR A 155 37.47 -2.21 -7.78
C THR A 155 38.24 -1.15 -8.54
N PHE A 156 38.64 -1.45 -9.78
CA PHE A 156 39.52 -0.55 -10.50
C PHE A 156 38.85 0.77 -10.73
N GLY A 157 37.52 0.77 -10.73
CA GLY A 157 36.82 1.98 -11.03
C GLY A 157 36.33 2.59 -9.76
N PHE A 158 36.13 1.76 -8.74
CA PHE A 158 35.32 2.21 -7.63
C PHE A 158 35.79 1.90 -6.24
N LEU A 159 36.79 1.05 -6.13
CA LEU A 159 37.38 0.82 -4.83
C LEU A 159 37.83 2.15 -4.30
N ALA A 160 37.52 2.42 -3.05
CA ALA A 160 37.74 3.74 -2.52
C ALA A 160 38.21 3.65 -1.09
N LEU A 161 39.29 4.35 -0.80
CA LEU A 161 39.55 4.76 0.57
C LEU A 161 39.27 6.24 0.59
N PRO A 162 38.02 6.59 0.88
CA PRO A 162 37.64 7.99 0.79
C PRO A 162 38.58 8.81 1.65
N GLY A 163 39.02 9.96 1.14
CA GLY A 163 39.98 10.80 1.82
C GLY A 163 41.38 10.59 1.27
N SER A 164 41.75 9.34 0.98
CA SER A 164 43.08 9.04 0.46
C SER A 164 43.34 9.68 -0.89
N ARG A 165 44.62 9.69 -1.28
CA ARG A 165 45.06 10.26 -2.54
C ARG A 165 45.04 9.14 -3.58
N GLU A 166 45.29 7.92 -3.09
CA GLU A 166 45.68 6.81 -3.94
C GLU A 166 44.49 5.96 -4.35
N ALA A 167 43.37 6.15 -3.66
CA ALA A 167 42.12 5.54 -4.04
C ALA A 167 41.00 6.44 -3.57
N PRO A 168 40.82 7.59 -4.25
CA PRO A 168 39.85 8.62 -3.82
C PRO A 168 38.40 8.25 -4.05
N GLY A 169 38.17 7.09 -4.68
CA GLY A 169 36.83 6.67 -5.07
C GLY A 169 36.38 7.29 -6.38
N ASN A 170 35.29 6.77 -6.92
CA ASN A 170 34.64 7.32 -8.11
C ASN A 170 35.49 7.46 -9.38
N VAL A 171 36.64 6.79 -9.45
CA VAL A 171 37.53 7.07 -10.59
C VAL A 171 36.93 6.60 -11.92
N GLY A 172 36.00 5.64 -11.83
CA GLY A 172 35.31 5.13 -13.01
C GLY A 172 34.38 6.19 -13.55
N LEU A 173 33.83 6.99 -12.65
CA LEU A 173 33.04 8.15 -13.03
C LEU A 173 33.95 9.20 -13.61
N LEU A 174 35.18 9.23 -13.11
CA LEU A 174 36.17 10.18 -13.60
C LEU A 174 36.65 9.79 -14.99
N ASP A 175 36.74 8.49 -15.25
CA ASP A 175 37.01 8.01 -16.61
C ASP A 175 35.90 8.50 -17.53
N GLN A 176 34.66 8.33 -17.08
CA GLN A 176 33.53 8.78 -17.86
C GLN A 176 33.66 10.29 -18.09
N ARG A 177 33.99 11.01 -17.02
CA ARG A 177 34.12 12.47 -17.11
C ARG A 177 35.23 12.86 -18.07
N LEU A 178 36.32 12.12 -18.03
CA LEU A 178 37.44 12.34 -18.90
C LEU A 178 37.04 12.14 -20.35
N ALA A 179 36.28 11.08 -20.61
CA ALA A 179 35.72 10.81 -21.91
C ALA A 179 34.76 11.93 -22.31
N LEU A 180 34.03 12.48 -21.35
CA LEU A 180 33.18 13.64 -21.67
C LEU A 180 34.07 14.83 -22.03
N GLN A 181 35.13 15.04 -21.26
CA GLN A 181 36.08 16.07 -21.59
C GLN A 181 36.64 15.83 -23.00
N TRP A 182 37.02 14.60 -23.26
CA TRP A 182 37.46 14.24 -24.58
C TRP A 182 36.43 14.60 -25.66
N VAL A 183 35.15 14.37 -25.40
CA VAL A 183 34.15 14.63 -26.42
C VAL A 183 34.08 16.14 -26.65
N GLN A 184 34.17 16.90 -25.56
CA GLN A 184 34.13 18.35 -25.64
C GLN A 184 35.22 18.89 -26.53
N GLU A 185 36.43 18.38 -26.35
CA GLU A 185 37.53 18.91 -27.11
C GLU A 185 37.57 18.34 -28.52
N ASN A 186 37.25 17.07 -28.67
CA ASN A 186 37.61 16.36 -29.90
C ASN A 186 36.43 16.05 -30.81
N ILE A 187 35.22 16.05 -30.26
CA ILE A 187 34.08 15.59 -31.04
C ILE A 187 33.82 16.42 -32.28
N ALA A 188 34.23 17.69 -32.29
CA ALA A 188 33.98 18.50 -33.47
C ALA A 188 34.77 17.97 -34.64
N ALA A 189 35.90 17.32 -34.36
CA ALA A 189 36.71 16.69 -35.38
C ALA A 189 35.93 15.61 -36.12
N PHE A 190 34.86 15.12 -35.52
CA PHE A 190 34.07 14.07 -36.15
C PHE A 190 32.77 14.63 -36.66
N GLY A 191 32.60 15.94 -36.56
CA GLY A 191 31.33 16.53 -36.91
C GLY A 191 30.38 16.55 -35.75
N GLY A 192 30.83 16.08 -34.59
CA GLY A 192 30.03 16.20 -33.38
C GLY A 192 29.95 17.63 -32.89
N ASP A 193 28.78 18.00 -32.37
CA ASP A 193 28.57 19.32 -31.80
C ASP A 193 28.77 19.21 -30.31
N PRO A 194 29.93 19.68 -29.82
CA PRO A 194 30.19 19.52 -28.39
C PRO A 194 29.20 20.33 -27.55
N MET A 195 28.40 21.17 -28.22
CA MET A 195 27.40 22.01 -27.54
C MET A 195 26.05 21.32 -27.53
N SER A 196 26.03 20.10 -28.03
CA SER A 196 24.85 19.29 -27.99
C SER A 196 25.32 17.88 -27.69
N VAL A 197 25.62 17.67 -26.42
CA VAL A 197 26.06 16.38 -25.89
C VAL A 197 25.01 15.83 -24.90
N THR A 198 24.36 14.75 -25.30
CA THR A 198 23.41 14.05 -24.45
C THR A 198 24.07 12.81 -23.89
N LEU A 199 24.02 12.66 -22.57
CA LEU A 199 24.45 11.43 -21.95
C LEU A 199 23.30 10.46 -21.99
N PHE A 200 23.60 9.19 -22.23
CA PHE A 200 22.58 8.19 -21.97
C PHE A 200 23.27 6.93 -21.51
N GLY A 201 22.60 6.21 -20.63
CA GLY A 201 23.18 5.03 -20.07
C GLY A 201 22.08 4.22 -19.47
N GLU A 202 22.36 2.95 -19.33
CA GLU A 202 21.39 2.08 -18.74
C GLU A 202 22.07 1.27 -17.65
N SUN A 203 21.25 1.55 -16.67
CA SUN A 203 21.32 0.87 -15.39
CB SUN A 203 21.61 -0.57 -15.65
OG SUN A 203 21.82 -1.24 -14.43
C SUN A 203 22.44 1.48 -14.59
O SUN A 203 22.31 2.66 -14.28
O1 SUN A 203 24.39 -1.86 -14.50
P1 SUN A 203 22.92 -2.41 -14.40
N1 SUN A 203 22.74 -3.17 -12.95
C2 SUN A 203 22.28 -2.37 -11.85
C1 SUN A 203 23.09 -4.60 -12.88
O2 SUN A 203 22.46 -3.61 -15.42
C3 SUN A 203 22.29 -3.49 -16.86
C4 SUN A 203 23.52 -3.79 -17.68
N ALA A 204 23.67 1.02 -14.52
CA ALA A 204 24.77 1.71 -13.77
C ALA A 204 25.23 2.87 -14.63
N GLY A 205 25.12 2.71 -15.93
CA GLY A 205 25.38 3.78 -16.86
C GLY A 205 24.38 4.89 -16.61
N ALA A 206 23.13 4.53 -16.41
CA ALA A 206 22.16 5.52 -16.06
C ALA A 206 22.51 6.16 -14.73
N ALA A 207 22.92 5.37 -13.75
CA ALA A 207 23.30 5.97 -12.48
C ALA A 207 24.45 6.90 -12.77
N SER A 208 25.42 6.40 -13.54
CA SER A 208 26.56 7.21 -13.95
C SER A 208 26.08 8.53 -14.57
N VAL A 209 25.15 8.48 -15.52
CA VAL A 209 24.64 9.69 -16.13
C VAL A 209 24.14 10.62 -15.04
N GLY A 210 23.33 10.07 -14.15
CA GLY A 210 22.80 10.80 -13.02
C GLY A 210 23.92 11.42 -12.19
N MET A 211 24.98 10.67 -11.95
CA MET A 211 26.08 11.18 -11.15
C MET A 211 26.63 12.42 -11.81
N HIS A 212 26.70 12.39 -13.13
CA HIS A 212 27.25 13.49 -13.87
C HIS A 212 26.34 14.69 -13.77
N ILE A 213 25.04 14.45 -13.90
CA ILE A 213 24.06 15.49 -13.65
C ILE A 213 24.36 16.08 -12.28
N LEU A 214 24.67 15.23 -11.32
CA LEU A 214 24.79 15.66 -9.94
C LEU A 214 26.14 16.24 -9.60
N SER A 215 27.09 16.11 -10.52
CA SER A 215 28.45 16.52 -10.23
C SER A 215 28.83 17.71 -11.08
N LEU A 216 29.08 18.83 -10.41
CA LEU A 216 29.39 20.11 -11.05
C LEU A 216 30.33 19.94 -12.23
N PRO A 217 31.54 19.42 -11.97
CA PRO A 217 32.50 19.42 -13.07
C PRO A 217 32.03 18.66 -14.30
N SER A 218 31.00 17.83 -14.16
CA SER A 218 30.47 17.08 -15.29
C SER A 218 29.46 17.89 -16.05
N ARG A 219 28.82 18.81 -15.32
CA ARG A 219 27.67 19.56 -15.82
C ARG A 219 27.97 20.28 -17.12
N SER A 220 29.15 20.88 -17.22
CA SER A 220 29.50 21.64 -18.42
C SER A 220 29.87 20.75 -19.60
N LEU A 221 29.79 19.44 -19.42
CA LEU A 221 30.28 18.49 -20.41
C LEU A 221 29.17 17.88 -21.22
N PHE A 222 27.94 18.10 -20.78
CA PHE A 222 26.78 17.60 -21.50
C PHE A 222 25.61 18.55 -21.24
N HIS A 223 24.53 18.37 -21.97
CA HIS A 223 23.43 19.31 -21.95
C HIS A 223 22.15 18.59 -21.63
N ARG A 224 22.14 17.31 -21.93
CA ARG A 224 20.97 16.50 -21.80
C ARG A 224 21.36 15.11 -21.34
N ALA A 225 20.45 14.45 -20.65
CA ALA A 225 20.77 13.20 -20.02
C ALA A 225 19.62 12.27 -20.20
N VAL A 226 19.92 11.05 -20.61
CA VAL A 226 18.94 9.97 -20.58
C VAL A 226 19.39 8.92 -19.60
N LEU A 227 18.48 8.57 -18.69
CA LEU A 227 18.73 7.59 -17.67
C LEU A 227 17.78 6.44 -17.86
N GLN A 228 18.29 5.41 -18.51
CA GLN A 228 17.52 4.21 -18.74
C GLN A 228 17.70 3.27 -17.56
N SER A 229 16.63 2.99 -16.83
CA SER A 229 16.63 1.96 -15.80
C SER A 229 17.77 2.12 -14.80
N GLY A 230 18.04 3.33 -14.39
CA GLY A 230 19.08 3.54 -13.42
C GLY A 230 19.04 4.98 -12.95
N THR A 231 19.49 5.19 -11.73
CA THR A 231 19.43 6.51 -11.15
C THR A 231 20.56 6.64 -10.19
N PRO A 232 21.01 7.88 -9.93
CA PRO A 232 22.15 7.93 -9.00
C PRO A 232 21.65 7.78 -7.57
N ASN A 233 20.40 8.14 -7.34
CA ASN A 233 19.78 7.94 -6.05
C ASN A 233 19.31 6.49 -6.06
N GLY A 234 18.89 5.97 -4.91
CA GLY A 234 18.47 4.59 -4.86
C GLY A 234 19.47 3.75 -4.10
N PRO A 235 19.12 2.51 -3.80
CA PRO A 235 19.86 1.81 -2.77
C PRO A 235 21.19 1.17 -3.24
N TRP A 236 21.47 1.26 -4.53
CA TRP A 236 22.63 0.53 -5.07
C TRP A 236 23.66 1.39 -5.78
N ALA A 237 23.26 2.54 -6.31
CA ALA A 237 24.15 3.31 -7.18
C ALA A 237 25.29 3.96 -6.45
N THR A 238 25.18 4.13 -5.14
CA THR A 238 26.25 4.74 -4.37
C THR A 238 26.45 4.06 -3.04
N VAL A 239 27.61 4.27 -2.45
CA VAL A 239 27.84 3.85 -1.09
C VAL A 239 28.36 5.05 -0.31
N SER A 240 28.12 5.06 0.99
CA SER A 240 28.71 6.08 1.84
C SER A 240 30.23 5.93 1.80
N ALA A 241 30.93 6.99 2.17
CA ALA A 241 32.35 6.92 2.31
C ALA A 241 32.72 5.77 3.26
N GLY A 242 31.99 5.65 4.36
CA GLY A 242 32.30 4.65 5.38
C GLY A 242 32.18 3.25 4.83
N GLU A 243 31.08 3.01 4.13
CA GLU A 243 30.82 1.71 3.53
C GLU A 243 31.85 1.42 2.44
N ALA A 244 32.14 2.41 1.58
CA ALA A 244 33.24 2.25 0.61
C ALA A 244 34.54 1.92 1.33
N ARG A 245 34.86 2.65 2.40
CA ARG A 245 36.06 2.35 3.18
C ARG A 245 36.03 0.90 3.63
N ARG A 246 34.89 0.51 4.20
CA ARG A 246 34.70 -0.80 4.76
C ARG A 246 34.97 -1.88 3.72
N ARG A 247 34.36 -1.72 2.55
CA ARG A 247 34.49 -2.72 1.49
C ARG A 247 35.88 -2.73 0.89
N ALA A 248 36.49 -1.56 0.78
CA ALA A 248 37.85 -1.48 0.27
C ALA A 248 38.78 -2.18 1.22
N THR A 249 38.64 -1.90 2.52
CA THR A 249 39.57 -2.51 3.46
C THR A 249 39.31 -3.98 3.57
N LEU A 250 38.04 -4.39 3.48
CA LEU A 250 37.74 -5.82 3.50
C LEU A 250 38.30 -6.49 2.26
N LEU A 251 38.05 -5.91 1.09
CA LEU A 251 38.60 -6.47 -0.13
C LEU A 251 40.09 -6.61 0.05
N ALA A 252 40.73 -5.57 0.56
CA ALA A 252 42.17 -5.60 0.83
C ALA A 252 42.56 -6.82 1.67
N ARG A 253 41.95 -6.96 2.84
CA ARG A 253 42.17 -8.12 3.67
C ARG A 253 42.03 -9.37 2.82
N LEU A 254 40.89 -9.52 2.16
CA LEU A 254 40.62 -10.72 1.37
C LEU A 254 41.74 -11.08 0.40
N VAL A 255 42.51 -10.09 -0.03
CA VAL A 255 43.62 -10.33 -0.94
C VAL A 255 44.98 -10.15 -0.24
N GLY A 256 44.97 -9.94 1.08
CA GLY A 256 46.19 -9.86 1.86
C GLY A 256 46.82 -8.49 1.97
N CYS A 257 46.03 -7.47 2.31
CA CYS A 257 46.53 -6.13 2.48
C CYS A 257 45.98 -5.46 3.75
N ASN A 265 46.77 2.68 7.65
CA ASN A 265 47.38 3.55 6.64
C ASN A 265 46.89 3.23 5.23
N ASP A 266 46.20 4.19 4.60
CA ASP A 266 45.62 3.99 3.28
C ASP A 266 46.69 3.68 2.23
N THR A 267 47.76 4.50 2.18
CA THR A 267 48.84 4.30 1.22
C THR A 267 49.34 2.88 1.17
N GLU A 268 49.69 2.31 2.32
CA GLU A 268 50.17 0.92 2.40
C GLU A 268 49.14 -0.04 1.82
N LEU A 269 47.90 0.12 2.26
CA LEU A 269 46.80 -0.67 1.79
C LEU A 269 46.64 -0.59 0.27
N ILE A 270 46.54 0.62 -0.25
CA ILE A 270 46.36 0.79 -1.67
C ILE A 270 47.58 0.28 -2.41
N ALA A 271 48.76 0.66 -1.94
CA ALA A 271 50.01 0.21 -2.55
C ALA A 271 50.00 -1.29 -2.68
N CYS A 272 49.50 -1.96 -1.65
CA CYS A 272 49.48 -3.41 -1.65
C CYS A 272 48.48 -3.89 -2.69
N LEU A 273 47.26 -3.35 -2.60
CA LEU A 273 46.24 -3.59 -3.59
C LEU A 273 46.74 -3.41 -5.00
N ARG A 274 47.62 -2.42 -5.22
CA ARG A 274 48.14 -2.18 -6.55
C ARG A 274 49.08 -3.27 -6.99
N THR A 275 49.61 -4.04 -6.05
CA THR A 275 50.54 -5.10 -6.41
C THR A 275 49.74 -6.33 -6.75
N ARG A 276 48.46 -6.32 -6.41
CA ARG A 276 47.64 -7.50 -6.61
C ARG A 276 47.24 -7.63 -8.06
N PRO A 277 47.26 -8.86 -8.57
CA PRO A 277 46.83 -8.98 -9.95
C PRO A 277 45.33 -8.67 -10.08
N ALA A 278 44.95 -8.04 -11.17
CA ALA A 278 43.56 -7.68 -11.47
C ALA A 278 42.57 -8.78 -11.09
N GLN A 279 42.90 -10.01 -11.45
CA GLN A 279 41.98 -11.10 -11.27
C GLN A 279 41.71 -11.36 -9.81
N ASP A 280 42.74 -11.21 -8.97
CA ASP A 280 42.54 -11.43 -7.54
C ASP A 280 41.49 -10.47 -7.02
N LEU A 281 41.59 -9.22 -7.47
CA LEU A 281 40.69 -8.19 -7.03
C LEU A 281 39.31 -8.58 -7.49
N VAL A 282 39.21 -8.98 -8.75
CA VAL A 282 37.93 -9.38 -9.28
C VAL A 282 37.39 -10.56 -8.47
N ASP A 283 38.21 -11.60 -8.32
CA ASP A 283 37.84 -12.77 -7.49
C ASP A 283 37.23 -12.45 -6.14
N HIS A 284 37.56 -11.31 -5.54
CA HIS A 284 37.09 -11.04 -4.19
C HIS A 284 36.15 -9.89 -4.09
N GLU A 285 36.11 -9.13 -5.17
CA GLU A 285 35.18 -8.04 -5.37
C GLU A 285 33.83 -8.29 -4.72
N TRP A 286 33.27 -9.45 -4.96
CA TRP A 286 31.89 -9.73 -4.62
C TRP A 286 31.72 -10.21 -3.18
N HIS A 287 32.82 -10.55 -2.53
CA HIS A 287 32.77 -11.00 -1.16
C HIS A 287 32.68 -9.89 -0.15
N VAL A 288 32.59 -8.64 -0.57
CA VAL A 288 32.65 -7.55 0.41
C VAL A 288 31.30 -6.92 0.71
N LEU A 289 30.25 -7.44 0.10
CA LEU A 289 28.91 -6.91 0.31
C LEU A 289 28.41 -7.18 1.72
N PRO A 290 27.79 -6.17 2.36
CA PRO A 290 27.39 -6.30 3.76
C PRO A 290 26.38 -7.42 4.01
N GLN A 291 25.52 -7.70 3.03
CA GLN A 291 24.54 -8.79 3.13
C GLN A 291 24.47 -9.62 1.86
N GLU A 292 23.89 -10.83 1.97
CA GLU A 292 23.41 -11.57 0.82
C GLU A 292 22.39 -10.66 0.15
N SER A 293 22.59 -10.42 -1.13
CA SER A 293 21.82 -9.39 -1.79
C SER A 293 21.79 -9.57 -3.30
N ILE A 294 20.77 -9.02 -3.94
CA ILE A 294 20.80 -8.82 -5.37
C ILE A 294 20.72 -7.34 -5.62
N PHE A 295 21.06 -6.93 -6.83
CA PHE A 295 21.09 -5.53 -7.20
C PHE A 295 21.86 -4.73 -6.17
N ARG A 296 22.92 -5.32 -5.63
CA ARG A 296 23.93 -4.60 -4.84
C ARG A 296 25.28 -4.94 -5.38
N PHE A 297 26.12 -3.93 -5.49
CA PHE A 297 27.39 -4.14 -6.13
C PHE A 297 28.43 -3.54 -5.22
N SER A 298 29.55 -4.23 -5.14
CA SER A 298 30.55 -4.00 -4.12
C SER A 298 31.19 -2.64 -4.24
N PHE A 299 31.57 -2.29 -5.47
CA PHE A 299 32.30 -1.09 -5.73
C PHE A 299 31.56 -0.24 -6.71
N VAL A 300 30.97 0.80 -6.15
CA VAL A 300 30.07 1.67 -6.85
C VAL A 300 30.47 3.11 -6.54
N PRO A 301 29.90 4.09 -7.26
CA PRO A 301 30.24 5.43 -6.82
C PRO A 301 30.13 5.62 -5.31
N VAL A 302 31.06 6.37 -4.77
CA VAL A 302 31.01 6.72 -3.38
C VAL A 302 30.60 8.18 -3.22
N VAL A 303 29.79 8.45 -2.21
CA VAL A 303 29.55 9.82 -1.77
C VAL A 303 30.84 10.25 -1.05
N ASP A 304 31.74 10.87 -1.83
CA ASP A 304 33.06 11.27 -1.36
C ASP A 304 33.06 12.71 -0.88
N GLY A 305 31.97 13.44 -1.09
CA GLY A 305 31.96 14.88 -0.83
C GLY A 305 32.84 15.61 -1.83
N ASP A 306 33.21 14.94 -2.92
CA ASP A 306 33.98 15.53 -4.01
C ASP A 306 33.17 15.35 -5.32
N PHE A 307 33.37 14.22 -6.01
CA PHE A 307 32.54 13.94 -7.17
C PHE A 307 31.07 14.08 -6.78
N LEU A 308 30.69 13.40 -5.71
CA LEU A 308 29.37 13.57 -5.16
C LEU A 308 29.52 14.32 -3.87
N SER A 309 29.09 15.58 -3.89
CA SER A 309 29.29 16.49 -2.78
C SER A 309 28.46 16.07 -1.58
N ASP A 310 27.43 15.29 -1.86
CA ASP A 310 26.49 14.76 -0.86
C ASP A 310 25.77 13.57 -1.52
N THR A 311 24.92 12.88 -0.76
CA THR A 311 24.23 11.72 -1.30
C THR A 311 23.44 12.18 -2.52
N PRO A 312 23.29 11.31 -3.53
CA PRO A 312 22.42 11.62 -4.64
C PRO A 312 21.02 12.04 -4.18
N GLU A 313 20.46 11.32 -3.20
CA GLU A 313 19.19 11.68 -2.57
C GLU A 313 19.19 13.19 -2.21
N ALA A 314 20.21 13.63 -1.49
CA ALA A 314 20.33 15.01 -1.04
C ALA A 314 20.44 16.00 -2.20
N LEU A 315 21.20 15.62 -3.22
CA LEU A 315 21.46 16.50 -4.36
C LEU A 315 20.29 16.56 -5.32
N ILE A 316 19.50 15.50 -5.40
CA ILE A 316 18.33 15.56 -6.25
C ILE A 316 17.23 16.32 -5.53
N ASN A 317 17.23 16.26 -4.20
CA ASN A 317 16.20 16.94 -3.41
C ASN A 317 16.35 18.44 -3.43
N THR A 318 17.57 18.95 -3.55
CA THR A 318 17.82 20.37 -3.31
C THR A 318 18.57 21.08 -4.45
N GLY A 319 18.97 20.34 -5.46
CA GLY A 319 19.61 20.95 -6.62
C GLY A 319 18.64 21.76 -7.47
N ASP A 320 19.18 22.70 -8.23
CA ASP A 320 18.41 23.41 -9.25
C ASP A 320 18.76 22.79 -10.61
N PHE A 321 17.75 22.28 -11.30
CA PHE A 321 17.96 21.56 -12.57
C PHE A 321 17.32 22.27 -13.75
N GLN A 322 17.36 23.60 -13.68
CA GLN A 322 16.78 24.54 -14.64
C GLN A 322 17.16 24.21 -16.10
N ASP A 323 18.46 24.19 -16.37
CA ASP A 323 18.97 24.04 -17.74
C ASP A 323 18.82 22.61 -18.28
N LEU A 324 18.29 21.71 -17.46
CA LEU A 324 18.39 20.29 -17.71
C LEU A 324 17.18 19.64 -18.34
N GLN A 325 17.41 18.92 -19.43
CA GLN A 325 16.40 18.01 -19.95
C GLN A 325 16.86 16.58 -19.71
N VAL A 326 15.94 15.77 -19.20
CA VAL A 326 16.23 14.43 -18.78
C VAL A 326 15.18 13.52 -19.35
N LEU A 327 15.61 12.49 -20.05
CA LEU A 327 14.73 11.42 -20.42
C LEU A 327 15.05 10.26 -19.48
N VAL A 328 14.06 9.81 -18.73
CA VAL A 328 14.26 8.73 -17.77
C VAL A 328 13.21 7.69 -18.05
N GLY A 329 13.47 6.47 -17.61
CA GLY A 329 12.49 5.43 -17.78
C GLY A 329 12.99 4.11 -17.30
N VAL A 330 12.08 3.16 -17.30
CA VAL A 330 12.28 1.85 -16.73
C VAL A 330 11.76 0.86 -17.75
N VAL A 331 12.14 -0.40 -17.60
CA VAL A 331 11.55 -1.46 -18.41
C VAL A 331 10.39 -2.05 -17.64
N LYS A 332 9.54 -2.80 -18.32
CA LYS A 332 8.39 -3.38 -17.69
C LYS A 332 8.85 -4.12 -16.42
N ASP A 333 9.91 -4.93 -16.53
CA ASP A 333 10.29 -5.79 -15.42
C ASP A 333 11.73 -5.62 -15.00
N GLU A 334 11.97 -4.57 -14.22
CA GLU A 334 13.29 -4.19 -13.82
C GLU A 334 13.93 -5.26 -12.93
N GLY A 335 13.10 -5.96 -12.16
CA GLY A 335 13.59 -6.81 -11.10
C GLY A 335 13.82 -8.24 -11.48
N SER A 336 13.21 -8.70 -12.56
CA SER A 336 13.23 -10.12 -12.87
C SER A 336 14.65 -10.62 -13.13
N TYR A 337 15.44 -9.85 -13.88
CA TYR A 337 16.80 -10.25 -14.23
C TYR A 337 17.60 -10.68 -13.01
N PHE A 338 17.49 -9.91 -11.95
CA PHE A 338 18.33 -10.08 -10.77
C PHE A 338 17.87 -11.22 -9.91
N LEU A 339 16.64 -11.62 -10.08
CA LEU A 339 16.10 -12.70 -9.29
C LEU A 339 16.83 -14.01 -9.56
N VAL A 340 17.24 -14.23 -10.80
CA VAL A 340 17.86 -15.50 -11.17
C VAL A 340 19.27 -15.64 -10.63
N TYR A 341 19.85 -14.57 -10.14
CA TYR A 341 21.25 -14.58 -9.73
C TYR A 341 21.44 -14.68 -8.22
N GLY A 342 20.39 -14.95 -7.48
CA GLY A 342 20.57 -15.11 -6.05
C GLY A 342 19.33 -15.00 -5.21
N VAL A 343 18.17 -15.18 -5.82
CA VAL A 343 17.01 -15.45 -5.01
C VAL A 343 16.69 -16.94 -5.15
N PRO A 344 16.81 -17.69 -4.05
CA PRO A 344 16.50 -19.10 -4.21
C PRO A 344 15.04 -19.25 -4.69
N GLY A 345 14.82 -20.19 -5.60
CA GLY A 345 13.49 -20.39 -6.15
C GLY A 345 13.51 -19.96 -7.57
N PHE A 346 14.23 -18.88 -7.84
CA PHE A 346 14.28 -18.27 -9.16
C PHE A 346 15.35 -18.81 -10.08
N SER A 347 14.97 -18.94 -11.35
CA SER A 347 15.81 -19.50 -12.39
C SER A 347 15.30 -19.05 -13.75
N LYS A 348 16.17 -19.07 -14.74
CA LYS A 348 15.73 -18.78 -16.09
C LYS A 348 15.12 -20.03 -16.69
N ASP A 349 15.47 -21.18 -16.12
CA ASP A 349 15.16 -22.50 -16.72
C ASP A 349 13.78 -23.04 -16.35
N ASN A 350 13.11 -22.36 -15.43
CA ASN A 350 11.74 -22.70 -15.17
C ASN A 350 10.93 -21.46 -14.89
N GLU A 351 9.67 -21.67 -14.54
CA GLU A 351 8.72 -20.60 -14.37
C GLU A 351 8.92 -19.80 -13.05
N SER A 352 9.83 -20.29 -12.21
CA SER A 352 10.24 -19.64 -10.96
C SER A 352 9.10 -19.36 -10.00
N LEU A 353 8.08 -20.21 -10.05
CA LEU A 353 6.98 -20.13 -9.13
C LEU A 353 7.54 -20.37 -7.75
N ILE A 354 7.44 -19.38 -6.88
CA ILE A 354 8.06 -19.49 -5.59
C ILE A 354 7.00 -19.59 -4.50
N SER A 355 7.46 -19.90 -3.30
CA SER A 355 6.58 -20.02 -2.17
C SER A 355 6.63 -18.71 -1.39
N ARG A 356 5.70 -18.57 -0.46
CA ARG A 356 5.73 -17.44 0.43
C ARG A 356 7.07 -17.39 1.15
N ALA A 357 7.52 -18.54 1.67
CA ALA A 357 8.83 -18.60 2.35
C ALA A 357 9.89 -18.04 1.41
N GLN A 358 9.90 -18.53 0.17
CA GLN A 358 10.93 -18.06 -0.76
C GLN A 358 10.78 -16.60 -1.08
N PHE A 359 9.56 -16.08 -0.96
CA PHE A 359 9.34 -14.69 -1.23
C PHE A 359 9.90 -13.83 -0.10
N LEU A 360 9.62 -14.24 1.13
CA LEU A 360 10.09 -13.53 2.31
C LEU A 360 11.61 -13.56 2.32
N ALA A 361 12.17 -14.71 1.96
CA ALA A 361 13.60 -14.89 1.84
C ALA A 361 14.13 -13.95 0.77
N GLY A 362 13.46 -13.97 -0.39
CA GLY A 362 13.82 -13.13 -1.53
C GLY A 362 13.85 -11.67 -1.15
N VAL A 363 12.84 -11.24 -0.41
CA VAL A 363 12.72 -9.86 0.01
C VAL A 363 13.93 -9.42 0.83
N ARG A 364 14.39 -10.29 1.75
CA ARG A 364 15.60 -10.01 2.51
C ARG A 364 16.81 -9.82 1.59
N ILE A 365 16.92 -10.64 0.56
CA ILE A 365 18.01 -10.53 -0.40
C ILE A 365 17.83 -9.32 -1.32
N GLY A 366 16.58 -9.08 -1.71
CA GLY A 366 16.23 -7.99 -2.60
C GLY A 366 16.29 -6.63 -1.92
N VAL A 367 16.03 -6.61 -0.62
CA VAL A 367 16.09 -5.39 0.15
C VAL A 367 17.01 -5.70 1.30
N PRO A 368 18.30 -5.88 1.00
CA PRO A 368 19.25 -6.37 1.98
C PRO A 368 19.45 -5.39 3.12
N GLN A 369 19.22 -4.12 2.85
CA GLN A 369 19.40 -3.08 3.85
C GLN A 369 18.23 -3.02 4.83
N ALA A 370 17.21 -3.84 4.61
CA ALA A 370 15.97 -3.72 5.39
C ALA A 370 16.04 -4.45 6.70
N SER A 371 15.61 -3.76 7.74
CA SER A 371 15.37 -4.36 9.02
C SER A 371 14.24 -5.36 8.84
N ASP A 372 14.03 -6.18 9.86
CA ASP A 372 12.89 -7.10 9.89
C ASP A 372 11.59 -6.37 9.65
N LEU A 373 11.42 -5.22 10.31
CA LEU A 373 10.18 -4.50 10.16
C LEU A 373 10.03 -4.00 8.73
N ALA A 374 11.09 -3.42 8.18
CA ALA A 374 11.01 -2.87 6.81
C ALA A 374 10.71 -3.98 5.80
N ALA A 375 11.32 -5.14 6.00
CA ALA A 375 11.10 -6.30 5.16
C ALA A 375 9.64 -6.73 5.25
N GLU A 376 9.11 -6.76 6.47
CA GLU A 376 7.74 -7.16 6.64
C GLU A 376 6.83 -6.16 5.91
N ALA A 377 7.17 -4.87 5.97
CA ALA A 377 6.43 -3.86 5.23
C ALA A 377 6.43 -4.22 3.74
N VAL A 378 7.62 -4.47 3.18
CA VAL A 378 7.77 -4.82 1.77
C VAL A 378 6.86 -6.00 1.48
N VAL A 379 6.97 -7.02 2.32
CA VAL A 379 6.20 -8.24 2.11
C VAL A 379 4.71 -7.97 2.22
N LEU A 380 4.33 -7.16 3.21
CA LEU A 380 2.95 -6.79 3.42
C LEU A 380 2.41 -6.02 2.23
N HIS A 381 3.24 -5.14 1.69
CA HIS A 381 2.86 -4.34 0.56
C HIS A 381 2.67 -5.16 -0.68
N TYR A 382 3.63 -6.03 -0.95
CA TYR A 382 3.66 -6.73 -2.22
C TYR A 382 2.86 -8.00 -2.23
N THR A 383 2.49 -8.50 -1.05
CA THR A 383 1.66 -9.67 -1.01
C THR A 383 0.35 -9.24 -1.58
N ASP A 384 -0.23 -10.10 -2.38
CA ASP A 384 -1.60 -9.96 -2.79
C ASP A 384 -2.41 -10.72 -1.75
N TRP A 385 -3.10 -10.03 -0.87
CA TRP A 385 -3.73 -10.70 0.28
C TRP A 385 -4.97 -11.54 -0.08
N LEU A 386 -5.38 -11.45 -1.33
CA LEU A 386 -6.36 -12.35 -1.91
C LEU A 386 -5.70 -13.68 -2.20
N HIS A 387 -4.42 -13.64 -2.53
CA HIS A 387 -3.70 -14.82 -2.97
C HIS A 387 -2.31 -14.79 -2.35
N PRO A 388 -2.24 -14.71 -1.01
CA PRO A 388 -0.94 -14.42 -0.41
C PRO A 388 0.09 -15.50 -0.67
N GLU A 389 -0.37 -16.71 -1.00
CA GLU A 389 0.51 -17.88 -1.15
C GLU A 389 0.70 -18.23 -2.61
N ASP A 390 0.12 -17.44 -3.48
CA ASP A 390 0.12 -17.79 -4.87
C ASP A 390 1.50 -17.60 -5.50
N PRO A 391 2.09 -18.70 -5.99
CA PRO A 391 3.48 -18.72 -6.42
C PRO A 391 3.75 -17.82 -7.60
N THR A 392 2.77 -17.64 -8.48
CA THR A 392 2.95 -16.78 -9.63
C THR A 392 2.96 -15.34 -9.16
N HIS A 393 2.00 -15.00 -8.31
CA HIS A 393 1.99 -13.65 -7.82
C HIS A 393 3.24 -13.35 -7.01
N LEU A 394 3.68 -14.32 -6.21
CA LEU A 394 4.83 -14.14 -5.34
C LEU A 394 6.08 -13.96 -6.18
N ARG A 395 6.13 -14.71 -7.27
CA ARG A 395 7.25 -14.68 -8.16
C ARG A 395 7.30 -13.29 -8.77
N ASP A 396 6.14 -12.76 -9.13
CA ASP A 396 6.06 -11.48 -9.82
C ASP A 396 6.21 -10.37 -8.83
N ALA A 397 5.75 -10.60 -7.60
CA ALA A 397 5.88 -9.61 -6.56
C ALA A 397 7.36 -9.46 -6.22
N MET A 398 8.08 -10.60 -6.16
CA MET A 398 9.50 -10.62 -5.94
C MET A 398 10.21 -9.79 -6.98
N SER A 399 9.79 -9.97 -8.23
CA SER A 399 10.34 -9.19 -9.32
C SER A 399 10.06 -7.72 -9.08
N ALA A 400 8.81 -7.43 -8.78
CA ALA A 400 8.35 -6.06 -8.59
C ALA A 400 9.11 -5.43 -7.45
N VAL A 401 9.36 -6.20 -6.40
CA VAL A 401 10.03 -5.68 -5.22
C VAL A 401 11.41 -5.21 -5.63
N VAL A 402 12.11 -6.03 -6.38
CA VAL A 402 13.47 -5.73 -6.72
C VAL A 402 13.52 -4.59 -7.73
N GLY A 403 12.66 -4.67 -8.74
CA GLY A 403 12.58 -3.66 -9.78
C GLY A 403 12.15 -2.33 -9.20
N ASP A 404 11.10 -2.36 -8.37
CA ASP A 404 10.60 -1.15 -7.78
C ASP A 404 11.63 -0.52 -6.90
N HIS A 405 12.21 -1.33 -6.03
CA HIS A 405 13.11 -0.83 -5.01
C HIS A 405 14.35 -0.25 -5.64
N ASN A 406 14.82 -0.86 -6.72
CA ASN A 406 16.14 -0.47 -7.25
C ASN A 406 16.09 0.47 -8.43
N VAL A 407 14.99 0.40 -9.18
CA VAL A 407 14.91 1.16 -10.40
C VAL A 407 13.67 2.02 -10.45
N VAL A 408 12.49 1.38 -10.45
CA VAL A 408 11.26 2.13 -10.73
C VAL A 408 11.07 3.25 -9.73
N CYS A 409 11.23 2.96 -8.45
CA CYS A 409 11.05 4.01 -7.44
C CYS A 409 12.21 5.00 -7.34
N PRO A 410 13.47 4.52 -7.43
CA PRO A 410 14.50 5.52 -7.61
C PRO A 410 14.26 6.43 -8.82
N VAL A 411 13.87 5.87 -9.95
CA VAL A 411 13.55 6.66 -11.14
C VAL A 411 12.41 7.60 -10.83
N ALA A 412 11.39 7.09 -10.14
CA ALA A 412 10.28 7.91 -9.73
C ALA A 412 10.73 9.08 -8.89
N GLN A 413 11.49 8.84 -7.82
CA GLN A 413 11.97 9.95 -6.98
C GLN A 413 12.79 10.89 -7.84
N LEU A 414 13.67 10.34 -8.67
CA LEU A 414 14.50 11.13 -9.53
C LEU A 414 13.66 11.99 -10.47
N ALA A 415 12.72 11.38 -11.20
CA ALA A 415 11.90 12.16 -12.15
C ALA A 415 11.15 13.25 -11.41
N GLY A 416 10.59 12.89 -10.26
CA GLY A 416 9.81 13.80 -9.45
C GLY A 416 10.64 14.97 -8.97
N ARG A 417 11.73 14.66 -8.30
CA ARG A 417 12.59 15.69 -7.78
C ARG A 417 13.15 16.55 -8.90
N LEU A 418 13.53 15.93 -10.01
CA LEU A 418 14.05 16.67 -11.14
C LEU A 418 13.01 17.64 -11.71
N ALA A 419 11.80 17.14 -11.94
CA ALA A 419 10.71 17.96 -12.47
C ALA A 419 10.38 19.12 -11.51
N ALA A 420 10.31 18.80 -10.22
CA ALA A 420 9.98 19.78 -9.18
C ALA A 420 11.03 20.86 -9.09
N GLN A 421 12.15 20.64 -9.76
CA GLN A 421 13.27 21.55 -9.60
C GLN A 421 13.83 22.08 -10.89
N GLY A 422 12.94 22.19 -11.88
CA GLY A 422 13.23 22.90 -13.12
C GLY A 422 13.62 22.04 -14.29
N ALA A 423 13.89 20.77 -14.05
CA ALA A 423 14.33 19.93 -15.13
C ALA A 423 13.16 19.70 -16.01
N ARG A 424 13.41 19.60 -17.31
CA ARG A 424 12.43 19.09 -18.19
C ARG A 424 12.64 17.59 -18.21
N VAL A 425 11.68 16.85 -17.65
CA VAL A 425 11.79 15.41 -17.55
C VAL A 425 10.81 14.77 -18.48
N TYR A 426 11.28 13.78 -19.23
CA TYR A 426 10.42 12.88 -19.99
C TYR A 426 10.62 11.51 -19.41
N ALA A 427 9.53 10.78 -19.24
CA ALA A 427 9.61 9.54 -18.54
C ALA A 427 8.96 8.51 -19.41
N TYR A 428 9.55 7.32 -19.44
CA TYR A 428 8.97 6.21 -20.16
C TYR A 428 8.96 4.94 -19.32
N ILE A 429 8.14 3.99 -19.75
CA ILE A 429 8.25 2.63 -19.33
C ILE A 429 8.35 1.88 -20.63
N PHE A 430 9.38 1.06 -20.74
CA PHE A 430 9.62 0.29 -21.93
C PHE A 430 9.04 -1.09 -21.71
N GLU A 431 8.07 -1.46 -22.52
CA GLU A 431 7.27 -2.63 -22.20
C GLU A 431 7.36 -3.71 -23.24
N HIS A 432 8.23 -3.50 -24.21
CA HIS A 432 8.28 -4.47 -25.28
C HIS A 432 9.37 -5.49 -25.03
N ARG A 433 8.97 -6.74 -25.07
CA ARG A 433 9.87 -7.83 -24.86
C ARG A 433 10.36 -8.22 -26.24
N ALA A 434 11.68 -8.17 -26.42
CA ALA A 434 12.26 -8.53 -27.69
C ALA A 434 11.73 -9.89 -28.04
N SER A 435 11.22 -10.02 -29.26
CA SER A 435 10.84 -11.32 -29.84
C SER A 435 12.01 -12.28 -29.78
N THR A 436 13.22 -11.73 -29.71
CA THR A 436 14.45 -12.52 -29.70
C THR A 436 14.87 -12.93 -28.29
N LEU A 437 14.22 -12.37 -27.28
CA LEU A 437 14.65 -12.56 -25.90
C LEU A 437 14.82 -14.03 -25.56
N THR A 438 15.95 -14.37 -24.98
CA THR A 438 16.23 -15.76 -24.65
C THR A 438 15.90 -16.06 -23.19
N TRP A 439 15.50 -15.03 -22.43
CA TRP A 439 15.05 -15.24 -21.06
C TRP A 439 13.62 -15.77 -21.11
N PRO A 440 13.15 -16.45 -20.03
CA PRO A 440 11.79 -16.93 -20.05
C PRO A 440 10.77 -15.80 -20.05
N LEU A 441 9.52 -16.16 -20.30
CA LEU A 441 8.46 -15.20 -20.43
C LEU A 441 8.16 -14.47 -19.15
N TRP A 442 8.35 -15.15 -18.03
CA TRP A 442 7.97 -14.60 -16.74
C TRP A 442 8.84 -13.38 -16.44
N MET A 443 10.07 -13.41 -16.93
CA MET A 443 10.97 -12.30 -16.71
C MET A 443 10.52 -11.05 -17.40
N GLY A 444 9.51 -11.18 -18.27
CA GLY A 444 8.89 -10.05 -18.93
C GLY A 444 9.92 -9.34 -19.75
N VAL A 445 10.02 -8.03 -19.56
CA VAL A 445 11.05 -7.22 -20.21
C VAL A 445 12.06 -6.93 -19.14
N PRO A 446 13.17 -7.68 -19.11
CA PRO A 446 14.11 -7.45 -18.06
C PRO A 446 14.97 -6.20 -18.28
N HIS A 447 15.69 -5.88 -17.22
CA HIS A 447 16.65 -4.80 -17.14
C HIS A 447 17.58 -4.93 -18.34
N GLY A 448 17.80 -3.84 -19.07
CA GLY A 448 18.78 -3.81 -20.14
C GLY A 448 18.26 -4.26 -21.48
N TYR A 449 17.01 -4.69 -21.53
CA TYR A 449 16.53 -5.23 -22.79
C TYR A 449 15.78 -4.24 -23.66
N GLU A 450 15.87 -2.98 -23.30
CA GLU A 450 15.41 -1.95 -24.18
C GLU A 450 16.57 -1.44 -24.99
N ILE A 451 17.78 -1.67 -24.49
CA ILE A 451 18.98 -1.06 -25.05
C ILE A 451 19.09 -1.35 -26.53
N GLU A 452 18.96 -2.61 -26.90
CA GLU A 452 19.14 -3.03 -28.28
C GLU A 452 18.17 -2.32 -29.21
N PHE A 453 17.02 -1.92 -28.68
CA PHE A 453 16.08 -1.12 -29.43
C PHE A 453 16.49 0.32 -29.51
N ILE A 454 16.82 0.94 -28.39
CA ILE A 454 17.30 2.32 -28.41
C ILE A 454 18.42 2.43 -29.42
N PHE A 455 19.30 1.44 -29.44
CA PHE A 455 20.42 1.44 -30.34
C PHE A 455 20.09 1.02 -31.76
N GLY A 456 18.89 0.46 -31.94
CA GLY A 456 18.40 0.13 -33.26
C GLY A 456 19.05 -1.10 -33.83
N LEU A 457 19.44 -2.02 -32.97
CA LEU A 457 19.88 -3.31 -33.45
C LEU A 457 18.85 -3.98 -34.36
N PRO A 458 17.54 -3.93 -33.99
CA PRO A 458 16.53 -4.58 -34.84
C PRO A 458 16.61 -4.22 -36.31
N LEU A 459 17.25 -3.09 -36.62
CA LEU A 459 17.50 -2.68 -37.99
C LEU A 459 18.44 -3.61 -38.73
N ASP A 460 19.24 -4.37 -38.00
CA ASP A 460 20.16 -5.30 -38.63
C ASP A 460 19.34 -6.50 -39.07
N PRO A 461 19.06 -6.61 -40.38
CA PRO A 461 18.03 -7.59 -40.78
C PRO A 461 18.44 -9.00 -40.36
N SER A 462 19.75 -9.25 -40.36
CA SER A 462 20.32 -10.50 -39.89
C SER A 462 20.13 -10.77 -38.38
N LEU A 463 19.42 -9.91 -37.65
CA LEU A 463 19.26 -10.15 -36.23
C LEU A 463 17.91 -10.81 -35.82
N ASN A 464 17.10 -11.21 -36.80
CA ASN A 464 15.87 -12.00 -36.56
C ASN A 464 14.76 -11.26 -35.78
N TYR A 465 14.91 -9.95 -35.62
CA TYR A 465 13.83 -9.15 -35.07
C TYR A 465 12.70 -9.10 -36.08
N THR A 466 11.49 -8.89 -35.58
CA THR A 466 10.32 -8.72 -36.41
C THR A 466 10.30 -7.33 -36.99
N THR A 467 9.48 -7.16 -38.02
CA THR A 467 9.33 -5.89 -38.70
C THR A 467 8.77 -4.83 -37.77
N GLU A 468 7.81 -5.18 -36.90
CA GLU A 468 7.29 -4.17 -35.97
C GLU A 468 8.39 -3.71 -35.04
N GLU A 469 9.25 -4.65 -34.65
CA GLU A 469 10.44 -4.35 -33.87
C GLU A 469 11.40 -3.45 -34.63
N ARG A 470 11.58 -3.67 -35.93
CA ARG A 470 12.36 -2.71 -36.71
C ARG A 470 11.72 -1.32 -36.61
N ILE A 471 10.41 -1.24 -36.77
CA ILE A 471 9.74 0.06 -36.79
C ILE A 471 9.86 0.72 -35.44
N PHE A 472 9.69 -0.11 -34.41
CA PHE A 472 9.73 0.31 -33.04
C PHE A 472 11.13 0.81 -32.69
N ALA A 473 12.16 0.09 -33.13
CA ALA A 473 13.53 0.54 -32.92
C ALA A 473 13.70 1.95 -33.48
N GLN A 474 13.26 2.12 -34.72
CA GLN A 474 13.30 3.41 -35.39
C GLN A 474 12.58 4.49 -34.61
N ARG A 475 11.41 4.14 -34.06
CA ARG A 475 10.68 5.12 -33.25
C ARG A 475 11.53 5.53 -32.05
N LEU A 476 12.11 4.54 -31.38
CA LEU A 476 12.87 4.75 -30.16
C LEU A 476 14.10 5.53 -30.47
N MET A 477 14.76 5.15 -31.57
CA MET A 477 15.90 5.91 -32.04
C MET A 477 15.50 7.35 -32.31
N LYS A 478 14.33 7.55 -32.92
CA LYS A 478 13.82 8.90 -33.14
C LYS A 478 13.66 9.61 -31.80
N TYR A 479 13.01 8.96 -30.84
CA TYR A 479 12.73 9.60 -29.57
C TYR A 479 14.02 10.07 -28.94
N TRP A 480 14.98 9.15 -28.88
CA TRP A 480 16.26 9.38 -28.25
C TRP A 480 17.02 10.49 -28.93
N THR A 481 17.12 10.42 -30.24
CA THR A 481 17.88 11.43 -30.97
C THR A 481 17.15 12.76 -31.04
N ASN A 482 15.82 12.73 -31.08
CA ASN A 482 15.08 13.97 -30.98
C ASN A 482 15.36 14.61 -29.65
N PHE A 483 15.31 13.80 -28.60
CA PHE A 483 15.55 14.28 -27.28
C PHE A 483 16.99 14.81 -27.19
N ALA A 484 17.89 14.11 -27.86
CA ALA A 484 19.28 14.51 -27.91
C ALA A 484 19.42 15.85 -28.60
N ARG A 485 18.66 16.07 -29.67
CA ARG A 485 18.74 17.31 -30.43
C ARG A 485 18.13 18.47 -29.70
N THR A 486 16.95 18.26 -29.15
CA THR A 486 16.06 19.34 -28.80
C THR A 486 15.71 19.37 -27.34
N GLY A 487 16.07 18.31 -26.62
CA GLY A 487 15.63 18.14 -25.23
C GLY A 487 14.20 17.65 -25.18
N ASP A 488 13.72 17.15 -26.33
CA ASP A 488 12.33 16.80 -26.56
C ASP A 488 12.23 15.59 -27.49
N PRO A 489 11.79 14.43 -26.96
CA PRO A 489 11.73 13.19 -27.76
C PRO A 489 10.72 13.26 -28.89
N ASN A 490 9.79 14.20 -28.78
CA ASN A 490 8.74 14.37 -29.79
C ASN A 490 9.28 14.88 -31.12
N ASP A 491 8.69 14.35 -32.18
CA ASP A 491 8.95 14.82 -33.53
C ASP A 491 8.24 16.19 -33.71
N PRO A 492 9.02 17.26 -33.98
CA PRO A 492 8.39 18.61 -33.94
C PRO A 492 7.25 18.78 -34.96
N ARG A 493 7.45 18.29 -36.18
CA ARG A 493 6.39 18.34 -37.20
C ARG A 493 5.30 17.32 -36.86
N ASP A 494 5.71 16.05 -36.83
CA ASP A 494 4.81 14.90 -36.67
C ASP A 494 3.95 14.90 -35.40
N SER A 495 2.82 15.59 -35.44
CA SER A 495 1.81 15.52 -34.37
C SER A 495 0.71 14.49 -34.69
N LYS A 496 0.79 13.86 -35.87
CA LYS A 496 0.02 12.63 -36.18
C LYS A 496 0.26 11.52 -35.11
N SER A 497 1.53 11.34 -34.72
CA SER A 497 1.92 10.48 -33.59
C SER A 497 1.55 11.16 -32.28
N PRO A 498 1.06 10.37 -31.29
CA PRO A 498 0.76 10.91 -29.95
C PRO A 498 1.99 11.54 -29.29
N GLN A 499 1.74 12.55 -28.47
CA GLN A 499 2.81 13.36 -27.89
C GLN A 499 3.28 12.79 -26.54
N TRP A 500 4.58 12.87 -26.31
CA TRP A 500 5.17 12.44 -25.08
C TRP A 500 5.22 13.68 -24.21
N PRO A 501 4.36 13.74 -23.18
CA PRO A 501 4.37 14.95 -22.40
C PRO A 501 5.50 14.91 -21.39
N PRO A 502 6.07 16.07 -21.06
CA PRO A 502 6.97 16.08 -19.91
C PRO A 502 6.37 15.37 -18.70
N TYR A 503 7.21 14.63 -17.97
CA TYR A 503 6.85 14.21 -16.65
C TYR A 503 6.78 15.44 -15.77
N THR A 504 5.67 15.58 -15.05
CA THR A 504 5.52 16.64 -14.06
C THR A 504 5.11 16.03 -12.72
N THR A 505 5.45 16.72 -11.62
CA THR A 505 5.04 16.32 -10.28
C THR A 505 3.53 16.34 -10.19
N ALA A 506 2.92 17.32 -10.85
CA ALA A 506 1.48 17.47 -10.91
C ALA A 506 0.79 16.33 -11.66
N ALA A 507 1.21 16.06 -12.89
CA ALA A 507 0.49 15.09 -13.72
C ALA A 507 1.17 13.73 -13.82
N GLN A 508 2.49 13.71 -13.59
CA GLN A 508 3.25 12.47 -13.50
C GLN A 508 3.10 11.61 -14.75
N GLN A 509 3.17 12.25 -15.90
CA GLN A 509 2.95 11.54 -17.14
C GLN A 509 4.21 10.91 -17.66
N TYR A 510 4.07 9.71 -18.16
CA TYR A 510 5.15 9.00 -18.77
C TYR A 510 4.53 8.23 -19.91
N VAL A 511 5.34 7.70 -20.81
CA VAL A 511 4.76 6.99 -21.93
C VAL A 511 5.16 5.54 -21.86
N SER A 512 4.34 4.71 -22.47
CA SER A 512 4.71 3.35 -22.69
C SER A 512 5.44 3.28 -24.02
N LEU A 513 6.57 2.60 -24.01
CA LEU A 513 7.29 2.30 -25.22
C LEU A 513 7.08 0.82 -25.48
N ASN A 514 6.26 0.53 -26.49
CA ASN A 514 5.97 -0.84 -26.95
C ASN A 514 5.63 -0.76 -28.43
N LEU A 515 5.16 -1.85 -29.01
CA LEU A 515 4.87 -1.82 -30.44
C LEU A 515 3.75 -0.82 -30.75
N LYS A 516 2.88 -0.59 -29.79
CA LYS A 516 1.76 0.33 -29.97
C LYS A 516 2.19 1.79 -29.91
N PRO A 517 1.45 2.69 -30.56
CA PRO A 517 1.75 4.11 -30.46
C PRO A 517 1.79 4.58 -29.02
N LEU A 518 2.61 5.59 -28.74
CA LEU A 518 2.71 6.13 -27.40
C LEU A 518 1.37 6.18 -26.66
N GLU A 519 1.29 5.46 -25.55
CA GLU A 519 0.17 5.62 -24.64
C GLU A 519 0.72 6.41 -23.45
N VAL A 520 -0.04 7.38 -22.98
CA VAL A 520 0.38 8.23 -21.89
C VAL A 520 -0.22 7.71 -20.61
N ARG A 521 0.65 7.52 -19.62
CA ARG A 521 0.20 6.99 -18.34
C ARG A 521 0.55 7.97 -17.27
N ARG A 522 -0.05 7.77 -16.10
CA ARG A 522 0.10 8.71 -15.04
C ARG A 522 0.58 7.98 -13.81
N GLY A 523 1.62 8.52 -13.20
CA GLY A 523 2.16 7.94 -11.97
C GLY A 523 3.02 6.75 -12.22
N LEU A 524 4.28 6.89 -11.90
CA LEU A 524 5.23 5.81 -12.03
C LEU A 524 5.12 5.02 -10.75
N ARG A 525 4.35 3.94 -10.78
CA ARG A 525 4.01 3.18 -9.58
C ARG A 525 3.83 4.13 -8.41
N ALA A 526 2.94 5.11 -8.56
CA ALA A 526 2.91 6.20 -7.59
C ALA A 526 2.62 5.69 -6.19
N GLN A 527 1.71 4.73 -6.08
CA GLN A 527 1.30 4.20 -4.81
C GLN A 527 2.44 3.41 -4.19
N THR A 528 2.97 2.46 -4.95
CA THR A 528 4.06 1.62 -4.48
C THR A 528 5.35 2.42 -4.26
N CYS A 529 5.64 3.41 -5.09
CA CYS A 529 6.82 4.23 -4.85
C CYS A 529 6.69 5.15 -3.66
N ALA A 530 5.47 5.54 -3.32
CA ALA A 530 5.27 6.22 -2.05
C ALA A 530 5.79 5.36 -0.91
N PHE A 531 5.60 4.06 -1.03
CA PHE A 531 6.12 3.17 -0.02
C PHE A 531 7.65 3.20 0.05
N TRP A 532 8.31 3.03 -1.09
CA TRP A 532 9.75 2.95 -1.13
C TRP A 532 10.45 4.28 -0.87
N ASN A 533 9.92 5.34 -1.46
CA ASN A 533 10.55 6.64 -1.45
C ASN A 533 10.17 7.49 -0.26
N ARG A 534 8.96 7.31 0.25
CA ARG A 534 8.50 8.14 1.36
C ARG A 534 8.35 7.36 2.65
N PHE A 535 7.85 6.14 2.58
CA PHE A 535 7.63 5.42 3.83
C PHE A 535 8.85 4.69 4.33
N LEU A 536 9.52 3.98 3.44
CA LEU A 536 10.61 3.11 3.82
C LEU A 536 11.74 3.88 4.53
N PRO A 537 12.14 5.06 4.00
CA PRO A 537 13.17 5.82 4.68
C PRO A 537 12.80 6.05 6.14
N LYS A 538 11.61 6.63 6.38
CA LYS A 538 11.06 6.81 7.74
C LYS A 538 11.08 5.53 8.61
N LEU A 539 10.73 4.39 8.00
CA LEU A 539 10.77 3.11 8.68
C LEU A 539 12.19 2.69 9.05
N LEU A 540 13.17 3.34 8.42
CA LEU A 540 14.57 3.13 8.77
C LEU A 540 15.08 4.20 9.77
N SER A 541 14.52 5.42 9.74
CA SER A 541 14.70 6.38 10.84
C SER A 541 13.94 5.87 12.09
N ALA A 542 14.35 4.70 12.58
CA ALA A 542 13.70 3.95 13.70
C ALA A 542 13.03 2.68 13.20
N GLU B 4 -59.41 -6.81 26.07
CA GLU B 4 -58.21 -7.69 26.29
C GLU B 4 -58.06 -8.74 25.17
N ASP B 5 -57.28 -8.38 24.17
CA ASP B 5 -56.93 -9.25 23.05
C ASP B 5 -56.00 -10.40 23.50
N PRO B 6 -56.49 -11.65 23.43
CA PRO B 6 -55.77 -12.77 24.08
C PRO B 6 -54.42 -13.02 23.44
N GLN B 7 -54.27 -12.55 22.21
CA GLN B 7 -53.03 -12.62 21.47
C GLN B 7 -52.00 -11.68 22.06
N LEU B 8 -52.49 -10.63 22.70
CA LEU B 8 -51.65 -9.58 23.25
C LEU B 8 -51.42 -9.79 24.73
N LEU B 9 -51.62 -11.01 25.19
CA LEU B 9 -51.48 -11.28 26.59
C LEU B 9 -50.58 -12.48 26.73
N VAL B 10 -49.47 -12.29 27.43
CA VAL B 10 -48.46 -13.32 27.54
C VAL B 10 -48.07 -13.44 29.00
N ARG B 11 -47.95 -14.67 29.47
CA ARG B 11 -47.36 -14.95 30.76
C ARG B 11 -45.94 -15.40 30.51
N VAL B 12 -45.03 -14.50 30.82
CA VAL B 12 -43.63 -14.79 30.90
C VAL B 12 -43.35 -15.23 32.35
N ARG B 13 -42.10 -15.57 32.64
CA ARG B 13 -41.73 -16.14 33.92
C ARG B 13 -41.93 -15.15 35.07
N GLY B 14 -41.78 -13.86 34.79
CA GLY B 14 -41.96 -12.81 35.79
C GLY B 14 -43.41 -12.40 35.96
N GLY B 15 -44.30 -12.95 35.14
CA GLY B 15 -45.69 -12.59 35.23
C GLY B 15 -46.33 -12.27 33.91
N GLN B 16 -47.41 -11.50 33.95
CA GLN B 16 -48.18 -11.27 32.77
C GLN B 16 -47.89 -9.94 32.12
N LEU B 17 -48.01 -9.95 30.80
CA LEU B 17 -47.68 -8.81 29.97
C LEU B 17 -48.83 -8.65 29.05
N ARG B 18 -49.12 -7.41 28.73
CA ARG B 18 -50.08 -7.09 27.72
C ARG B 18 -49.32 -6.34 26.67
N GLY B 19 -49.22 -6.95 25.50
CA GLY B 19 -48.65 -6.31 24.34
C GLY B 19 -49.65 -5.38 23.70
N ILE B 20 -49.24 -4.77 22.61
CA ILE B 20 -50.11 -3.92 21.83
C ILE B 20 -50.11 -4.54 20.44
N ARG B 21 -51.25 -4.46 19.75
CA ARG B 21 -51.34 -4.87 18.36
C ARG B 21 -50.91 -3.66 17.60
N LEU B 22 -49.74 -3.77 16.99
CA LEU B 22 -49.23 -2.71 16.16
C LEU B 22 -49.53 -3.15 14.75
N LYS B 23 -49.75 -2.20 13.85
CA LYS B 23 -49.92 -2.58 12.46
C LYS B 23 -48.67 -2.31 11.63
N ALA B 24 -48.27 -3.34 10.90
CA ALA B 24 -47.27 -3.25 9.86
C ALA B 24 -48.02 -3.23 8.53
N PRO B 25 -47.40 -2.71 7.46
CA PRO B 25 -48.16 -2.42 6.24
C PRO B 25 -48.91 -3.61 5.69
N GLY B 26 -48.43 -4.81 6.00
CA GLY B 26 -49.02 -6.02 5.45
C GLY B 26 -49.78 -6.81 6.48
N GLY B 27 -50.13 -6.14 7.58
CA GLY B 27 -50.91 -6.79 8.62
C GLY B 27 -50.48 -6.45 10.03
N PRO B 28 -51.16 -7.02 11.03
CA PRO B 28 -50.84 -6.69 12.41
C PRO B 28 -49.63 -7.46 12.91
N VAL B 29 -49.04 -6.92 13.97
CA VAL B 29 -47.97 -7.56 14.73
C VAL B 29 -48.24 -7.32 16.20
N SER B 30 -47.95 -8.33 17.03
CA SER B 30 -48.02 -8.18 18.46
C SER B 30 -46.72 -7.60 18.98
N ALA B 31 -46.74 -6.35 19.45
CA ALA B 31 -45.56 -5.77 20.08
C ALA B 31 -45.62 -5.78 21.59
N PHE B 32 -44.66 -6.43 22.23
CA PHE B 32 -44.54 -6.33 23.68
C PHE B 32 -43.34 -5.48 24.01
N LEU B 33 -43.59 -4.19 24.22
CA LEU B 33 -42.53 -3.23 24.44
C LEU B 33 -42.37 -2.94 25.93
N GLY B 34 -41.14 -2.66 26.35
CA GLY B 34 -40.90 -2.27 27.74
C GLY B 34 -40.95 -3.40 28.74
N ILE B 35 -40.70 -4.63 28.31
CA ILE B 35 -40.67 -5.72 29.27
C ILE B 35 -39.41 -5.64 30.12
N PRO B 36 -39.57 -5.51 31.43
CA PRO B 36 -38.42 -5.42 32.28
C PRO B 36 -37.71 -6.76 32.34
N PHE B 37 -36.42 -6.77 32.15
CA PHE B 37 -35.69 -8.03 32.25
C PHE B 37 -34.71 -8.01 33.42
N ALA B 38 -34.64 -6.87 34.09
CA ALA B 38 -33.75 -6.73 35.22
C ALA B 38 -34.35 -5.77 36.23
N GLU B 39 -33.94 -5.92 37.47
CA GLU B 39 -34.14 -4.88 38.45
C GLU B 39 -33.55 -3.59 37.92
N PRO B 40 -34.30 -2.50 38.00
CA PRO B 40 -33.76 -1.21 37.59
C PRO B 40 -32.36 -1.01 38.18
N PRO B 41 -31.34 -0.87 37.33
CA PRO B 41 -29.97 -0.79 37.85
C PRO B 41 -29.74 0.60 38.39
N VAL B 42 -30.53 0.97 39.37
CA VAL B 42 -30.48 2.30 39.95
C VAL B 42 -29.97 2.23 41.37
N GLY B 43 -29.52 3.38 41.86
CA GLY B 43 -29.12 3.49 43.25
C GLY B 43 -27.82 2.75 43.37
N SER B 44 -27.81 1.77 44.27
CA SER B 44 -26.60 1.01 44.58
C SER B 44 -26.34 0.02 43.47
N ARG B 45 -27.31 -0.12 42.59
CA ARG B 45 -27.24 -1.07 41.49
C ARG B 45 -26.56 -0.43 40.26
N ARG B 46 -26.35 0.88 40.33
CA ARG B 46 -25.52 1.56 39.34
C ARG B 46 -24.14 0.91 39.25
N PHE B 47 -23.70 0.67 38.01
CA PHE B 47 -22.40 0.05 37.71
C PHE B 47 -22.37 -1.43 38.03
N MET B 48 -23.46 -1.95 38.57
CA MET B 48 -23.50 -3.33 39.00
C MET B 48 -24.09 -4.24 37.92
N PRO B 49 -23.75 -5.54 37.93
CA PRO B 49 -24.42 -6.47 37.05
C PRO B 49 -25.92 -6.40 37.25
N PRO B 50 -26.69 -6.61 36.17
CA PRO B 50 -28.13 -6.53 36.29
C PRO B 50 -28.60 -7.69 37.15
N GLU B 51 -29.55 -7.44 38.02
CA GLU B 51 -30.16 -8.55 38.71
C GLU B 51 -31.43 -8.91 37.98
N PRO B 52 -31.76 -10.20 37.93
CA PRO B 52 -33.04 -10.61 37.31
C PRO B 52 -34.22 -9.80 37.85
N LYS B 53 -35.12 -9.36 36.96
CA LYS B 53 -36.32 -8.63 37.36
C LYS B 53 -37.14 -9.50 38.28
N ARG B 54 -37.60 -8.92 39.39
CA ARG B 54 -38.47 -9.64 40.30
C ARG B 54 -39.83 -9.83 39.62
N PRO B 55 -40.48 -10.98 39.86
CA PRO B 55 -41.84 -11.17 39.35
C PRO B 55 -42.73 -10.02 39.75
N TRP B 56 -43.76 -9.77 38.96
CA TRP B 56 -44.72 -8.72 39.23
C TRP B 56 -46.13 -9.30 39.31
N SER B 57 -47.03 -8.54 39.93
CA SER B 57 -48.42 -8.94 40.08
C SER B 57 -49.16 -8.41 38.88
N GLY B 58 -50.37 -8.95 38.63
CA GLY B 58 -51.23 -8.43 37.58
C GLY B 58 -50.64 -8.52 36.18
N VAL B 59 -51.05 -7.56 35.35
CA VAL B 59 -50.68 -7.53 33.96
C VAL B 59 -49.85 -6.29 33.75
N LEU B 60 -48.57 -6.50 33.51
CA LEU B 60 -47.65 -5.43 33.14
C LEU B 60 -48.01 -4.91 31.77
N ASP B 61 -48.24 -3.61 31.71
CA ASP B 61 -48.49 -2.95 30.49
C ASP B 61 -47.18 -3.00 29.71
N ALA B 62 -47.20 -3.73 28.60
CA ALA B 62 -46.03 -3.83 27.72
C ALA B 62 -46.40 -3.36 26.33
N THR B 63 -47.02 -2.18 26.26
CA THR B 63 -47.55 -1.68 24.99
C THR B 63 -46.80 -0.44 24.54
N THR B 64 -45.81 -0.09 25.33
CA THR B 64 -45.14 1.18 25.22
C THR B 64 -43.64 0.93 25.43
N PHE B 65 -42.81 1.61 24.67
CA PHE B 65 -41.36 1.51 24.87
C PHE B 65 -41.01 2.08 26.21
N GLN B 66 -40.09 1.43 26.90
CA GLN B 66 -39.68 1.95 28.19
C GLN B 66 -38.60 2.99 28.02
N ASN B 67 -38.09 3.51 29.13
CA ASN B 67 -37.13 4.58 29.05
C ASN B 67 -35.86 4.16 28.38
N VAL B 68 -35.17 5.15 27.85
CA VAL B 68 -33.89 4.90 27.24
C VAL B 68 -32.84 4.97 28.35
N CYS B 69 -31.89 4.06 28.32
CA CYS B 69 -30.80 4.08 29.26
C CYS B 69 -30.12 5.42 29.23
N TYR B 70 -29.78 5.93 30.41
CA TYR B 70 -29.24 7.26 30.53
C TYR B 70 -27.99 7.39 29.70
N GLN B 71 -27.98 8.39 28.83
CA GLN B 71 -26.91 8.53 27.87
C GLN B 71 -26.82 9.94 27.39
N TYR B 72 -25.65 10.28 26.89
CA TYR B 72 -25.40 11.52 26.19
C TYR B 72 -26.35 11.62 25.03
N VAL B 73 -26.99 12.76 24.91
CA VAL B 73 -27.82 13.02 23.77
C VAL B 73 -26.94 13.84 22.87
N ASP B 74 -26.89 13.47 21.61
CA ASP B 74 -26.08 14.22 20.67
C ASP B 74 -26.67 15.58 20.35
N THR B 75 -25.80 16.57 20.24
CA THR B 75 -26.19 17.96 20.09
C THR B 75 -25.46 18.60 18.93
N LEU B 76 -24.70 17.82 18.17
CA LEU B 76 -23.87 18.38 17.12
C LEU B 76 -24.71 19.14 16.07
N TYR B 77 -25.80 18.52 15.61
CA TYR B 77 -26.71 19.20 14.71
C TYR B 77 -28.13 19.10 15.23
N PRO B 78 -28.52 20.03 16.14
CA PRO B 78 -29.82 19.90 16.81
C PRO B 78 -30.95 19.97 15.81
N GLY B 79 -31.91 19.04 15.89
CA GLY B 79 -33.07 19.06 15.01
C GLY B 79 -32.82 18.48 13.64
N PHE B 80 -31.60 18.02 13.40
CA PHE B 80 -31.23 17.34 12.17
C PHE B 80 -31.63 15.86 12.25
N GLU B 81 -32.46 15.42 11.31
CA GLU B 81 -33.00 14.05 11.30
C GLU B 81 -31.86 13.02 11.33
N GLY B 82 -30.80 13.29 10.59
CA GLY B 82 -29.64 12.42 10.53
C GLY B 82 -28.97 12.12 11.85
N THR B 83 -28.97 13.09 12.77
CA THR B 83 -28.46 12.83 14.11
C THR B 83 -29.59 12.43 15.06
N GLU B 84 -30.73 13.10 14.96
CA GLU B 84 -31.79 12.94 15.96
C GLU B 84 -32.38 11.56 15.92
N MET B 85 -32.27 10.90 14.77
CA MET B 85 -32.80 9.55 14.60
C MET B 85 -32.05 8.53 15.47
N TRP B 86 -30.91 8.94 15.99
CA TRP B 86 -30.16 8.07 16.90
C TRP B 86 -30.33 8.52 18.33
N ASN B 87 -30.79 9.75 18.50
CA ASN B 87 -31.03 10.29 19.82
C ASN B 87 -32.15 9.56 20.56
N PRO B 88 -32.07 9.53 21.89
CA PRO B 88 -33.14 8.83 22.61
C PRO B 88 -34.50 9.42 22.26
N ASN B 89 -35.43 8.54 21.89
CA ASN B 89 -36.78 8.93 21.51
C ASN B 89 -37.72 8.59 22.66
N ARG B 90 -37.16 8.39 23.85
CA ARG B 90 -37.92 8.21 25.07
C ARG B 90 -37.15 8.87 26.21
N GLU B 91 -37.81 8.99 27.36
CA GLU B 91 -37.20 9.67 28.50
C GLU B 91 -35.95 8.89 28.89
N LEU B 92 -34.90 9.61 29.25
CA LEU B 92 -33.68 9.00 29.72
C LEU B 92 -33.95 8.56 31.13
N SER B 93 -33.51 7.37 31.48
CA SER B 93 -33.54 6.96 32.86
C SER B 93 -32.48 5.90 33.04
N GLU B 94 -31.90 5.80 34.22
CA GLU B 94 -31.08 4.64 34.51
C GLU B 94 -31.95 3.42 34.62
N ASP B 95 -33.25 3.63 34.76
CA ASP B 95 -34.19 2.55 34.88
C ASP B 95 -34.64 2.26 33.46
N CYS B 96 -33.91 1.38 32.80
CA CYS B 96 -34.06 1.25 31.36
C CYS B 96 -33.82 -0.15 30.91
N LEU B 97 -33.72 -1.08 31.84
CA LEU B 97 -33.46 -2.42 31.47
C LEU B 97 -34.75 -3.06 31.06
N TYR B 98 -35.07 -2.85 29.81
CA TYR B 98 -36.30 -3.31 29.25
C TYR B 98 -35.99 -3.86 27.90
N LEU B 99 -36.76 -4.86 27.49
CA LEU B 99 -36.65 -5.34 26.16
C LEU B 99 -38.00 -5.33 25.50
N ASN B 100 -37.96 -5.42 24.18
CA ASN B 100 -39.11 -5.34 23.34
C ASN B 100 -39.17 -6.62 22.56
N VAL B 101 -40.37 -7.14 22.36
CA VAL B 101 -40.58 -8.33 21.58
C VAL B 101 -41.65 -8.00 20.58
N TRP B 102 -41.34 -8.18 19.31
CA TRP B 102 -42.36 -8.13 18.30
C TRP B 102 -42.52 -9.55 17.86
N THR B 103 -43.74 -9.99 17.67
CA THR B 103 -43.98 -11.29 17.06
C THR B 103 -44.98 -11.05 15.97
N PRO B 104 -45.20 -12.07 15.13
CA PRO B 104 -46.32 -12.03 14.22
C PRO B 104 -47.64 -12.00 14.99
N TYR B 105 -48.68 -11.49 14.32
CA TYR B 105 -50.06 -11.54 14.79
C TYR B 105 -50.90 -12.34 13.80
N PRO B 106 -51.40 -13.51 14.22
CA PRO B 106 -51.32 -13.97 15.60
C PRO B 106 -49.95 -14.53 15.92
N ARG B 107 -49.70 -14.71 17.22
CA ARG B 107 -48.55 -15.44 17.76
C ARG B 107 -48.32 -16.69 16.91
N PRO B 108 -47.10 -16.85 16.40
CA PRO B 108 -46.85 -17.98 15.49
C PRO B 108 -47.18 -19.33 16.13
N ALA B 109 -47.68 -20.24 15.30
CA ALA B 109 -48.06 -21.60 15.72
C ALA B 109 -46.84 -22.43 16.18
N SER B 110 -45.80 -22.45 15.35
CA SER B 110 -44.60 -23.19 15.70
C SER B 110 -43.55 -22.23 16.23
N PRO B 111 -42.61 -22.73 17.04
CA PRO B 111 -41.49 -21.91 17.49
C PRO B 111 -40.81 -21.21 16.31
N THR B 112 -40.70 -19.89 16.39
CA THR B 112 -40.10 -19.08 15.35
C THR B 112 -38.70 -18.62 15.72
N PRO B 113 -37.76 -18.67 14.75
CA PRO B 113 -36.46 -18.05 14.99
C PRO B 113 -36.59 -16.66 15.58
N VAL B 114 -35.72 -16.37 16.54
CA VAL B 114 -35.72 -15.12 17.24
C VAL B 114 -34.52 -14.30 16.79
N LEU B 115 -34.75 -13.05 16.42
CA LEU B 115 -33.63 -12.17 16.21
C LEU B 115 -33.52 -11.22 17.38
N ILE B 116 -32.34 -11.14 17.96
CA ILE B 116 -32.18 -10.21 19.03
C ILE B 116 -31.32 -9.06 18.58
N TRP B 117 -31.91 -7.88 18.62
CA TRP B 117 -31.22 -6.71 18.19
C TRP B 117 -30.50 -6.10 19.37
N ILE B 118 -29.23 -5.78 19.13
CA ILE B 118 -28.44 -5.06 20.09
C ILE B 118 -28.07 -3.76 19.40
N TYR B 119 -28.56 -2.63 19.90
CA TYR B 119 -28.28 -1.38 19.23
C TYR B 119 -26.82 -1.00 19.38
N GLY B 120 -26.38 -0.13 18.47
CA GLY B 120 -25.10 0.53 18.58
C GLY B 120 -25.32 1.86 19.26
N GLY B 121 -24.35 2.74 19.14
CA GLY B 121 -24.32 3.95 19.91
C GLY B 121 -22.99 4.11 20.63
N GLY B 122 -21.96 3.40 20.17
CA GLY B 122 -20.62 3.53 20.71
C GLY B 122 -20.51 3.13 22.16
N PHE B 123 -21.40 2.28 22.61
CA PHE B 123 -21.46 1.86 24.00
C PHE B 123 -21.76 3.02 24.89
N TYR B 124 -22.08 4.17 24.30
CA TYR B 124 -22.42 5.34 25.09
C TYR B 124 -23.84 5.84 24.81
N SER B 125 -24.52 5.23 23.85
CA SER B 125 -25.87 5.65 23.54
C SER B 125 -26.62 4.54 22.84
N GLY B 126 -27.87 4.83 22.54
CA GLY B 126 -28.69 3.96 21.76
C GLY B 126 -29.86 3.61 22.60
N ALA B 127 -30.85 2.99 21.98
CA ALA B 127 -32.06 2.62 22.66
C ALA B 127 -32.73 1.64 21.73
N ALA B 128 -33.43 0.67 22.28
CA ALA B 128 -34.01 -0.37 21.48
C ALA B 128 -35.31 0.12 20.90
N SER B 129 -35.60 1.40 21.13
CA SER B 129 -36.89 2.01 20.83
C SER B 129 -36.83 2.94 19.64
N LEU B 130 -35.64 3.15 19.09
CA LEU B 130 -35.46 4.02 17.96
C LEU B 130 -36.27 3.46 16.81
N ASP B 131 -36.80 4.34 15.96
CA ASP B 131 -37.59 3.96 14.81
C ASP B 131 -36.89 2.96 13.93
N VAL B 132 -35.59 3.11 13.75
CA VAL B 132 -34.83 2.26 12.82
C VAL B 132 -34.72 0.83 13.31
N TYR B 133 -35.04 0.61 14.59
CA TYR B 133 -35.01 -0.72 15.19
C TYR B 133 -36.40 -1.28 15.39
N ASP B 134 -37.38 -0.67 14.73
CA ASP B 134 -38.74 -1.12 14.79
C ASP B 134 -38.78 -2.52 14.24
N GLY B 135 -39.10 -3.48 15.09
CA GLY B 135 -39.11 -4.88 14.70
C GLY B 135 -40.39 -5.34 14.04
N ARG B 136 -41.33 -4.43 13.85
CA ARG B 136 -42.66 -4.81 13.39
C ARG B 136 -42.55 -5.43 12.01
N PHE B 137 -41.70 -4.88 11.17
CA PHE B 137 -41.60 -5.33 9.80
C PHE B 137 -41.10 -6.76 9.70
N LEU B 138 -40.03 -7.08 10.42
CA LEU B 138 -39.46 -8.43 10.39
C LEU B 138 -40.44 -9.40 11.03
N ALA B 139 -41.17 -8.91 12.01
CA ALA B 139 -42.18 -9.72 12.68
C ALA B 139 -43.29 -10.02 11.69
N GLN B 140 -43.68 -9.02 10.90
CA GLN B 140 -44.83 -9.17 10.05
C GLN B 140 -44.46 -9.89 8.77
N VAL B 141 -43.55 -9.31 8.01
CA VAL B 141 -43.20 -9.85 6.72
C VAL B 141 -42.52 -11.21 6.85
N GLU B 142 -41.72 -11.39 7.90
CA GLU B 142 -40.87 -12.57 7.95
C GLU B 142 -41.26 -13.56 9.02
N GLY B 143 -42.23 -13.19 9.83
CA GLY B 143 -42.73 -14.08 10.87
C GLY B 143 -41.71 -14.20 11.99
N ALA B 144 -40.74 -13.29 12.00
CA ALA B 144 -39.67 -13.29 12.99
C ALA B 144 -40.19 -12.86 14.35
N VAL B 145 -39.80 -13.58 15.39
CA VAL B 145 -39.86 -13.02 16.71
C VAL B 145 -38.61 -12.14 16.84
N LEU B 146 -38.83 -10.84 16.96
CA LEU B 146 -37.73 -9.91 17.03
C LEU B 146 -37.67 -9.31 18.43
N VAL B 147 -36.57 -9.56 19.12
CA VAL B 147 -36.33 -9.01 20.45
C VAL B 147 -35.32 -7.87 20.36
N SER B 148 -35.54 -6.81 21.10
CA SER B 148 -34.47 -5.85 21.31
C SER B 148 -34.51 -5.39 22.75
N MET B 149 -33.34 -5.33 23.38
CA MET B 149 -33.25 -4.88 24.76
C MET B 149 -32.56 -3.57 24.81
N ASN B 150 -32.86 -2.82 25.87
CA ASN B 150 -32.02 -1.73 26.26
C ASN B 150 -30.91 -2.33 27.12
N TYR B 151 -29.72 -1.78 26.98
CA TYR B 151 -28.68 -2.13 27.90
C TYR B 151 -28.03 -0.84 28.31
N ARG B 152 -27.43 -0.82 29.47
CA ARG B 152 -26.84 0.42 29.97
C ARG B 152 -25.64 0.83 29.13
N VAL B 153 -25.55 2.11 28.85
CA VAL B 153 -24.49 2.63 28.00
C VAL B 153 -23.67 3.61 28.78
N GLY B 154 -22.53 4.03 28.22
CA GLY B 154 -21.60 4.95 28.85
C GLY B 154 -21.20 4.43 30.22
N THR B 155 -20.98 5.34 31.16
CA THR B 155 -20.54 4.98 32.52
C THR B 155 -21.47 3.98 33.14
N PHE B 156 -22.77 4.16 32.95
CA PHE B 156 -23.74 3.30 33.59
C PHE B 156 -23.58 1.88 33.15
N GLY B 157 -23.31 1.69 31.86
CA GLY B 157 -23.08 0.35 31.35
C GLY B 157 -21.66 -0.11 31.43
N PHE B 158 -20.72 0.82 31.31
CA PHE B 158 -19.34 0.39 31.10
C PHE B 158 -18.24 1.00 31.95
N LEU B 159 -18.59 1.82 32.93
CA LEU B 159 -17.61 2.21 33.91
C LEU B 159 -17.18 0.98 34.68
N ALA B 160 -15.90 0.65 34.56
CA ALA B 160 -15.34 -0.52 35.20
C ALA B 160 -14.25 -0.03 36.12
N LEU B 161 -14.30 -0.47 37.35
CA LEU B 161 -13.12 -0.46 38.20
C LEU B 161 -12.70 -1.91 38.31
N PRO B 162 -11.94 -2.38 37.31
CA PRO B 162 -11.74 -3.80 37.12
C PRO B 162 -11.25 -4.42 38.38
N GLY B 163 -11.84 -5.55 38.73
CA GLY B 163 -11.47 -6.28 39.92
C GLY B 163 -12.40 -5.96 41.06
N SER B 164 -12.93 -4.73 41.08
CA SER B 164 -13.85 -4.30 42.13
C SER B 164 -15.15 -5.08 42.10
N ARG B 165 -15.83 -5.13 43.24
CA ARG B 165 -17.13 -5.80 43.31
C ARG B 165 -18.15 -4.84 42.74
N GLU B 166 -17.95 -3.55 42.98
CA GLU B 166 -19.05 -2.59 42.81
C GLU B 166 -19.14 -1.94 41.43
N ALA B 167 -18.14 -2.19 40.61
CA ALA B 167 -18.12 -1.73 39.22
C ALA B 167 -17.25 -2.64 38.39
N PRO B 168 -17.70 -3.89 38.17
CA PRO B 168 -16.84 -4.89 37.56
C PRO B 168 -16.56 -4.60 36.09
N GLY B 169 -17.30 -3.63 35.52
CA GLY B 169 -17.29 -3.36 34.09
C GLY B 169 -18.12 -4.37 33.32
N ASN B 170 -18.41 -4.03 32.06
CA ASN B 170 -19.16 -4.90 31.17
C ASN B 170 -20.62 -5.15 31.56
N VAL B 171 -21.14 -4.35 32.49
CA VAL B 171 -22.50 -4.59 32.94
C VAL B 171 -23.50 -4.35 31.82
N GLY B 172 -23.19 -3.42 30.93
CA GLY B 172 -24.01 -3.25 29.74
C GLY B 172 -24.06 -4.54 28.94
N LEU B 173 -22.96 -5.28 28.90
CA LEU B 173 -22.97 -6.54 28.20
C LEU B 173 -23.71 -7.56 29.01
N LEU B 174 -23.62 -7.46 30.33
CA LEU B 174 -24.33 -8.39 31.18
C LEU B 174 -25.83 -8.15 31.06
N ASP B 175 -26.18 -6.87 30.86
CA ASP B 175 -27.55 -6.47 30.60
C ASP B 175 -28.03 -7.22 29.40
N GLN B 176 -27.26 -7.18 28.32
CA GLN B 176 -27.61 -7.84 27.10
C GLN B 176 -27.71 -9.32 27.36
N ARG B 177 -26.73 -9.87 28.03
CA ARG B 177 -26.76 -11.28 28.40
C ARG B 177 -28.04 -11.62 29.13
N LEU B 178 -28.46 -10.74 30.03
CA LEU B 178 -29.64 -10.99 30.83
C LEU B 178 -30.86 -11.01 29.92
N ALA B 179 -30.93 -10.06 29.00
CA ALA B 179 -31.98 -10.04 28.01
C ALA B 179 -31.93 -11.34 27.20
N LEU B 180 -30.73 -11.78 26.87
CA LEU B 180 -30.55 -13.04 26.17
C LEU B 180 -31.08 -14.19 27.02
N GLN B 181 -30.78 -14.19 28.32
CA GLN B 181 -31.31 -15.18 29.27
C GLN B 181 -32.81 -15.08 29.25
N TRP B 182 -33.29 -13.85 29.32
CA TRP B 182 -34.71 -13.59 29.38
C TRP B 182 -35.40 -14.22 28.19
N VAL B 183 -34.78 -14.07 27.02
CA VAL B 183 -35.28 -14.71 25.81
C VAL B 183 -35.27 -16.22 25.98
N GLN B 184 -34.19 -16.76 26.51
CA GLN B 184 -34.10 -18.20 26.62
C GLN B 184 -35.26 -18.73 27.43
N GLU B 185 -35.47 -18.10 28.58
CA GLU B 185 -36.47 -18.54 29.53
C GLU B 185 -37.89 -18.21 29.13
N ASN B 186 -38.06 -17.21 28.27
CA ASN B 186 -39.37 -16.62 28.03
C ASN B 186 -39.88 -16.59 26.63
N ILE B 187 -38.99 -16.59 25.64
CA ILE B 187 -39.41 -16.31 24.28
C ILE B 187 -40.43 -17.31 23.76
N ALA B 188 -40.37 -18.56 24.25
CA ALA B 188 -41.34 -19.57 23.86
C ALA B 188 -42.77 -19.07 24.06
N ALA B 189 -43.01 -18.38 25.17
CA ALA B 189 -44.30 -17.77 25.46
C ALA B 189 -44.83 -16.89 24.33
N PHE B 190 -43.94 -16.37 23.49
CA PHE B 190 -44.32 -15.53 22.36
C PHE B 190 -44.25 -16.32 21.06
N GLY B 191 -43.90 -17.60 21.18
CA GLY B 191 -43.68 -18.46 20.03
C GLY B 191 -42.31 -18.25 19.42
N GLY B 192 -41.43 -17.58 20.15
CA GLY B 192 -40.03 -17.55 19.78
C GLY B 192 -39.45 -18.92 20.03
N ASP B 193 -38.51 -19.33 19.19
CA ASP B 193 -37.76 -20.56 19.38
C ASP B 193 -36.49 -20.26 20.18
N PRO B 194 -36.46 -20.61 21.48
CA PRO B 194 -35.25 -20.26 22.23
C PRO B 194 -34.06 -21.05 21.69
N MET B 195 -34.34 -21.99 20.80
CA MET B 195 -33.29 -22.81 20.22
C MET B 195 -32.83 -22.31 18.87
N SER B 196 -33.44 -21.25 18.40
CA SER B 196 -32.97 -20.53 17.23
C SER B 196 -33.00 -19.03 17.55
N VAL B 197 -31.94 -18.59 18.21
CA VAL B 197 -31.79 -17.20 18.58
C VAL B 197 -30.58 -16.68 17.83
N THR B 198 -30.79 -15.64 17.03
CA THR B 198 -29.74 -15.01 16.27
C THR B 198 -29.61 -13.62 16.82
N LEU B 199 -28.42 -13.29 17.32
CA LEU B 199 -28.15 -11.93 17.71
C LEU B 199 -27.89 -11.18 16.44
N PHE B 200 -28.34 -9.94 16.37
CA PHE B 200 -27.77 -9.04 15.41
C PHE B 200 -27.69 -7.68 16.03
N GLY B 201 -26.76 -6.90 15.55
CA GLY B 201 -26.49 -5.63 16.17
C GLY B 201 -25.60 -4.91 15.20
N GLU B 202 -25.50 -3.61 15.40
CA GLU B 202 -24.69 -2.79 14.54
C GLU B 202 -23.88 -1.85 15.41
N SUN B 203 -22.64 -1.89 14.95
CA SUN B 203 -21.64 -0.98 15.43
CB SUN B 203 -22.22 0.39 15.35
OG SUN B 203 -21.21 1.31 15.63
C SUN B 203 -21.30 -1.34 16.86
O SUN B 203 -21.00 -2.50 17.10
O1 SUN B 203 -22.25 2.20 17.97
P1 SUN B 203 -21.52 2.56 16.61
N1 SUN B 203 -20.04 3.23 16.83
C2 SUN B 203 -18.92 2.35 17.05
C1 SUN B 203 -19.96 4.69 16.84
O2 SUN B 203 -22.30 3.61 15.64
C3 SUN B 203 -23.65 4.00 16.00
C4 SUN B 203 -24.70 3.22 15.22
N ALA B 204 -21.60 -0.61 17.92
CA ALA B 204 -21.32 -1.14 19.28
C ALA B 204 -22.16 -2.38 19.54
N GLY B 205 -23.33 -2.42 18.90
CA GLY B 205 -24.21 -3.58 18.99
C GLY B 205 -23.56 -4.78 18.34
N ALA B 206 -22.91 -4.56 17.21
CA ALA B 206 -22.14 -5.62 16.57
C ALA B 206 -21.02 -6.07 17.51
N ALA B 207 -20.28 -5.12 18.06
CA ALA B 207 -19.20 -5.44 18.98
C ALA B 207 -19.72 -6.26 20.15
N SER B 208 -20.92 -5.89 20.62
CA SER B 208 -21.57 -6.59 21.74
C SER B 208 -21.86 -7.98 21.31
N VAL B 209 -22.46 -8.13 20.15
CA VAL B 209 -22.70 -9.47 19.60
C VAL B 209 -21.38 -10.26 19.60
N GLY B 210 -20.33 -9.64 19.08
CA GLY B 210 -19.04 -10.30 18.98
C GLY B 210 -18.54 -10.65 20.36
N MET B 211 -18.78 -9.76 21.31
CA MET B 211 -18.42 -10.07 22.67
C MET B 211 -19.21 -11.20 23.24
N HIS B 212 -20.49 -11.32 22.86
CA HIS B 212 -21.26 -12.47 23.27
C HIS B 212 -20.71 -13.72 22.63
N ILE B 213 -20.29 -13.61 21.37
CA ILE B 213 -19.67 -14.73 20.71
C ILE B 213 -18.44 -15.16 21.52
N LEU B 214 -17.72 -14.18 22.03
CA LEU B 214 -16.44 -14.41 22.67
C LEU B 214 -16.55 -14.63 24.17
N SER B 215 -17.77 -14.68 24.68
CA SER B 215 -17.94 -14.90 26.10
C SER B 215 -18.76 -16.12 26.37
N LEU B 216 -18.18 -17.06 27.12
CA LEU B 216 -18.78 -18.36 27.23
C LEU B 216 -20.19 -18.32 27.80
N PRO B 217 -20.38 -17.67 28.96
CA PRO B 217 -21.75 -17.70 29.50
C PRO B 217 -22.81 -17.15 28.52
N SER B 218 -22.38 -16.36 27.53
CA SER B 218 -23.25 -15.84 26.46
C SER B 218 -23.56 -16.86 25.37
N ARG B 219 -22.60 -17.75 25.08
CA ARG B 219 -22.69 -18.68 23.94
C ARG B 219 -23.90 -19.62 23.96
N SER B 220 -24.39 -19.97 25.14
CA SER B 220 -25.57 -20.81 25.25
C SER B 220 -26.88 -20.06 25.03
N LEU B 221 -26.79 -18.75 24.81
CA LEU B 221 -27.98 -17.88 24.75
C LEU B 221 -28.36 -17.50 23.35
N PHE B 222 -27.59 -17.97 22.38
CA PHE B 222 -27.85 -17.73 20.97
C PHE B 222 -27.11 -18.75 20.14
N HIS B 223 -27.45 -18.84 18.86
CA HIS B 223 -26.88 -19.86 17.98
C HIS B 223 -26.21 -19.27 16.79
N ARG B 224 -26.58 -18.03 16.47
CA ARG B 224 -26.05 -17.33 15.32
C ARG B 224 -25.90 -15.86 15.64
N ALA B 225 -25.03 -15.17 14.92
CA ALA B 225 -24.82 -13.76 15.15
C ALA B 225 -24.66 -13.01 13.87
N VAL B 226 -25.10 -11.76 13.89
CA VAL B 226 -24.86 -10.87 12.78
C VAL B 226 -24.19 -9.67 13.36
N LEU B 227 -23.09 -9.26 12.74
CA LEU B 227 -22.34 -8.13 13.22
C LEU B 227 -22.32 -7.17 12.07
N GLN B 228 -23.13 -6.13 12.19
CA GLN B 228 -23.20 -5.13 11.18
C GLN B 228 -22.28 -4.02 11.62
N SER B 229 -21.24 -3.79 10.85
CA SER B 229 -20.38 -2.63 11.04
C SER B 229 -19.80 -2.49 12.44
N GLY B 230 -19.38 -3.59 13.04
CA GLY B 230 -18.79 -3.54 14.34
C GLY B 230 -18.26 -4.90 14.73
N THR B 231 -17.23 -4.90 15.56
CA THR B 231 -16.57 -6.14 15.93
C THR B 231 -16.09 -6.02 17.35
N PRO B 232 -15.98 -7.14 18.05
CA PRO B 232 -15.44 -7.07 19.40
C PRO B 232 -13.97 -6.71 19.33
N ASN B 233 -13.28 -7.22 18.33
CA ASN B 233 -11.90 -6.86 18.07
C ASN B 233 -11.85 -5.42 17.63
N GLY B 234 -10.65 -4.89 17.49
CA GLY B 234 -10.49 -3.58 16.90
C GLY B 234 -10.19 -2.48 17.90
N PRO B 235 -9.98 -1.28 17.36
CA PRO B 235 -9.45 -0.19 18.15
C PRO B 235 -10.38 0.36 19.23
N TRP B 236 -11.70 0.23 19.03
CA TRP B 236 -12.65 1.02 19.86
C TRP B 236 -13.53 0.24 20.81
N ALA B 237 -13.71 -1.04 20.58
CA ALA B 237 -14.77 -1.81 21.23
C ALA B 237 -14.39 -2.24 22.63
N THR B 238 -13.12 -2.27 22.93
CA THR B 238 -12.69 -2.70 24.24
C THR B 238 -11.62 -1.80 24.77
N VAL B 239 -11.46 -1.84 26.08
CA VAL B 239 -10.29 -1.24 26.66
C VAL B 239 -9.71 -2.26 27.59
N SER B 240 -8.44 -2.10 27.91
CA SER B 240 -7.79 -2.93 28.89
C SER B 240 -8.38 -2.56 30.23
N ALA B 241 -8.25 -3.48 31.19
CA ALA B 241 -8.59 -3.21 32.58
C ALA B 241 -7.98 -1.89 32.99
N GLY B 242 -6.68 -1.73 32.74
CA GLY B 242 -5.93 -0.57 33.18
C GLY B 242 -6.52 0.70 32.62
N GLU B 243 -6.86 0.68 31.35
CA GLU B 243 -7.44 1.86 30.71
C GLU B 243 -8.84 2.17 31.24
N ALA B 244 -9.57 1.13 31.61
CA ALA B 244 -10.91 1.29 32.16
C ALA B 244 -10.78 1.95 33.51
N ARG B 245 -9.89 1.41 34.33
CA ARG B 245 -9.59 1.94 35.63
C ARG B 245 -9.19 3.40 35.54
N ARG B 246 -8.35 3.69 34.56
CA ARG B 246 -7.81 5.02 34.38
C ARG B 246 -8.96 5.98 34.12
N ARG B 247 -9.86 5.59 33.22
CA ARG B 247 -10.99 6.44 32.80
C ARG B 247 -12.05 6.56 33.88
N ALA B 248 -12.34 5.46 34.56
CA ALA B 248 -13.29 5.44 35.65
C ALA B 248 -12.81 6.43 36.69
N THR B 249 -11.55 6.23 37.09
CA THR B 249 -10.84 7.10 38.02
C THR B 249 -10.85 8.54 37.57
N LEU B 250 -10.60 8.76 36.28
CA LEU B 250 -10.56 10.11 35.78
C LEU B 250 -11.93 10.76 35.83
N LEU B 251 -12.97 9.95 35.60
CA LEU B 251 -14.33 10.47 35.63
C LEU B 251 -14.67 10.84 37.05
N ALA B 252 -14.34 9.94 37.97
CA ALA B 252 -14.45 10.19 39.40
C ALA B 252 -13.81 11.53 39.79
N ARG B 253 -12.54 11.74 39.45
CA ARG B 253 -11.92 13.04 39.67
C ARG B 253 -12.82 14.13 39.11
N LEU B 254 -13.19 13.99 37.84
CA LEU B 254 -13.92 15.04 37.16
C LEU B 254 -15.28 15.36 37.79
N VAL B 255 -15.82 14.41 38.56
CA VAL B 255 -17.11 14.64 39.22
C VAL B 255 -16.95 14.82 40.73
N GLY B 256 -15.70 14.95 41.18
CA GLY B 256 -15.40 15.22 42.58
C GLY B 256 -15.40 13.99 43.46
N CYS B 257 -15.06 12.85 42.89
CA CYS B 257 -15.00 11.62 43.67
C CYS B 257 -13.58 11.09 43.78
N ASN B 265 -9.45 3.40 47.62
CA ASN B 265 -10.12 2.15 47.22
C ASN B 265 -11.33 2.34 46.28
N ASP B 266 -11.66 1.28 45.54
CA ASP B 266 -12.75 1.30 44.57
C ASP B 266 -14.11 1.59 45.21
N THR B 267 -14.40 0.91 46.31
CA THR B 267 -15.66 1.03 47.02
C THR B 267 -16.05 2.48 47.26
N GLU B 268 -15.16 3.25 47.88
CA GLU B 268 -15.45 4.66 48.19
C GLU B 268 -15.56 5.51 46.93
N LEU B 269 -14.79 5.15 45.92
CA LEU B 269 -14.82 5.87 44.67
C LEU B 269 -16.14 5.61 43.98
N ILE B 270 -16.52 4.34 43.91
CA ILE B 270 -17.76 3.97 43.26
C ILE B 270 -18.95 4.47 44.07
N ALA B 271 -18.90 4.30 45.39
CA ALA B 271 -19.98 4.80 46.24
C ALA B 271 -20.26 6.24 45.89
N CYS B 272 -19.19 7.04 45.77
CA CYS B 272 -19.33 8.45 45.43
C CYS B 272 -19.94 8.63 44.05
N LEU B 273 -19.48 7.82 43.10
CA LEU B 273 -20.02 7.85 41.76
C LEU B 273 -21.51 7.50 41.76
N ARG B 274 -21.87 6.50 42.59
CA ARG B 274 -23.27 6.13 42.78
C ARG B 274 -24.11 7.34 43.22
N THR B 275 -23.49 8.31 43.91
CA THR B 275 -24.24 9.44 44.46
C THR B 275 -24.44 10.50 43.41
N ARG B 276 -23.86 10.32 42.24
CA ARG B 276 -23.89 11.40 41.27
C ARG B 276 -25.07 11.38 40.32
N PRO B 277 -25.81 12.49 40.23
CA PRO B 277 -26.86 12.59 39.22
C PRO B 277 -26.36 11.99 37.89
N ALA B 278 -27.23 11.23 37.24
CA ALA B 278 -26.89 10.57 35.98
C ALA B 278 -26.15 11.51 35.03
N GLN B 279 -26.72 12.68 34.79
CA GLN B 279 -26.19 13.62 33.80
C GLN B 279 -24.78 14.10 34.12
N ASP B 280 -24.40 14.07 35.40
CA ASP B 280 -23.05 14.49 35.79
C ASP B 280 -22.03 13.53 35.21
N LEU B 281 -22.28 12.24 35.39
CA LEU B 281 -21.49 11.19 34.77
C LEU B 281 -21.41 11.40 33.26
N VAL B 282 -22.56 11.59 32.64
CA VAL B 282 -22.61 11.80 31.20
C VAL B 282 -21.85 13.06 30.80
N ASP B 283 -22.03 14.13 31.58
CA ASP B 283 -21.38 15.42 31.32
C ASP B 283 -19.87 15.30 31.13
N HIS B 284 -19.25 14.40 31.89
CA HIS B 284 -17.81 14.27 31.95
C HIS B 284 -17.30 13.01 31.29
N GLU B 285 -18.21 12.27 30.66
CA GLU B 285 -17.90 11.00 30.05
C GLU B 285 -16.84 11.12 28.96
N TRP B 286 -16.98 12.12 28.09
CA TRP B 286 -16.04 12.34 27.01
C TRP B 286 -14.66 12.90 27.42
N HIS B 287 -14.59 13.52 28.59
CA HIS B 287 -13.35 14.12 29.01
C HIS B 287 -12.31 13.10 29.44
N VAL B 288 -12.67 11.82 29.45
CA VAL B 288 -11.74 10.76 29.89
C VAL B 288 -10.96 10.08 28.76
N LEU B 289 -11.21 10.48 27.52
CA LEU B 289 -10.47 9.90 26.39
C LEU B 289 -9.00 10.37 26.39
N PRO B 290 -8.07 9.41 26.22
CA PRO B 290 -6.65 9.76 26.32
C PRO B 290 -6.21 10.73 25.22
N GLN B 291 -6.86 10.67 24.06
CA GLN B 291 -6.54 11.53 22.93
C GLN B 291 -7.81 12.13 22.35
N GLU B 292 -7.65 13.28 21.69
CA GLU B 292 -8.67 13.82 20.82
C GLU B 292 -8.86 12.71 19.79
N SER B 293 -10.10 12.28 19.64
CA SER B 293 -10.39 11.04 18.95
C SER B 293 -11.61 11.24 18.09
N ILE B 294 -11.75 10.41 17.08
CA ILE B 294 -13.09 10.07 16.62
C ILE B 294 -13.16 8.57 16.70
N PHE B 295 -14.37 8.04 16.64
CA PHE B 295 -14.62 6.61 16.74
C PHE B 295 -13.94 6.02 17.94
N ARG B 296 -13.95 6.75 19.03
CA ARG B 296 -13.41 6.24 20.27
C ARG B 296 -14.37 6.67 21.38
N PHE B 297 -14.52 5.83 22.38
CA PHE B 297 -15.59 5.99 23.32
C PHE B 297 -15.02 5.68 24.67
N SER B 298 -15.47 6.44 25.66
CA SER B 298 -14.85 6.39 26.95
C SER B 298 -15.17 5.12 27.73
N PHE B 299 -16.41 4.69 27.71
CA PHE B 299 -16.74 3.51 28.49
C PHE B 299 -17.34 2.49 27.62
N VAL B 300 -16.53 1.48 27.36
CA VAL B 300 -16.81 0.43 26.43
C VAL B 300 -16.49 -0.85 27.19
N PRO B 301 -16.86 -2.02 26.65
CA PRO B 301 -16.52 -3.25 27.33
C PRO B 301 -15.05 -3.27 27.68
N VAL B 302 -14.73 -3.93 28.78
CA VAL B 302 -13.38 -3.95 29.29
C VAL B 302 -12.85 -5.37 29.25
N VAL B 303 -11.61 -5.53 28.78
CA VAL B 303 -11.02 -6.85 28.85
C VAL B 303 -10.77 -7.04 30.33
N ASP B 304 -11.59 -7.90 30.93
CA ASP B 304 -11.71 -7.93 32.39
C ASP B 304 -11.26 -9.26 32.93
N GLY B 305 -10.82 -10.14 32.04
CA GLY B 305 -10.56 -11.52 32.39
C GLY B 305 -11.83 -12.27 32.73
N ASP B 306 -12.93 -11.55 32.95
CA ASP B 306 -14.19 -12.16 33.37
C ASP B 306 -15.13 -12.36 32.17
N PHE B 307 -15.84 -11.31 31.78
CA PHE B 307 -16.72 -11.40 30.63
C PHE B 307 -15.88 -11.75 29.42
N LEU B 308 -14.82 -10.99 29.21
CA LEU B 308 -13.84 -11.28 28.20
C LEU B 308 -12.60 -11.82 28.89
N SER B 309 -12.35 -13.12 28.74
CA SER B 309 -11.23 -13.80 29.39
C SER B 309 -9.89 -13.24 28.90
N ASP B 310 -9.84 -12.87 27.63
CA ASP B 310 -8.67 -12.21 27.07
C ASP B 310 -9.18 -11.09 26.16
N THR B 311 -8.26 -10.39 25.49
CA THR B 311 -8.64 -9.43 24.48
C THR B 311 -9.47 -10.13 23.42
N PRO B 312 -10.39 -9.39 22.78
CA PRO B 312 -11.09 -9.99 21.66
C PRO B 312 -10.15 -10.52 20.61
N GLU B 313 -9.06 -9.80 20.33
CA GLU B 313 -8.06 -10.26 19.37
C GLU B 313 -7.56 -11.62 19.80
N ALA B 314 -7.17 -11.73 21.06
CA ALA B 314 -6.70 -12.99 21.59
C ALA B 314 -7.76 -14.08 21.36
N LEU B 315 -9.00 -13.75 21.70
CA LEU B 315 -10.09 -14.70 21.70
C LEU B 315 -10.53 -15.12 20.32
N ILE B 316 -10.48 -14.19 19.36
CA ILE B 316 -10.75 -14.55 17.97
C ILE B 316 -9.57 -15.28 17.34
N ASN B 317 -8.35 -15.08 17.87
CA ASN B 317 -7.21 -15.87 17.41
C ASN B 317 -7.28 -17.32 17.84
N THR B 318 -7.76 -17.58 19.05
CA THR B 318 -7.64 -18.91 19.63
C THR B 318 -8.95 -19.67 19.70
N GLY B 319 -10.05 -18.97 19.48
CA GLY B 319 -11.37 -19.53 19.76
C GLY B 319 -11.71 -20.70 18.86
N ASP B 320 -12.62 -21.55 19.31
CA ASP B 320 -13.21 -22.56 18.44
C ASP B 320 -14.64 -22.18 18.13
N PHE B 321 -14.87 -21.88 16.85
CA PHE B 321 -16.12 -21.30 16.41
C PHE B 321 -16.81 -22.23 15.42
N GLN B 322 -16.62 -23.53 15.64
CA GLN B 322 -17.14 -24.59 14.78
C GLN B 322 -18.64 -24.46 14.54
N ASP B 323 -19.41 -24.53 15.62
CA ASP B 323 -20.86 -24.62 15.47
C ASP B 323 -21.46 -23.21 15.55
N LEU B 324 -20.79 -22.28 14.89
CA LEU B 324 -21.16 -20.88 14.86
C LEU B 324 -21.36 -20.40 13.42
N GLN B 325 -22.48 -19.75 13.17
CA GLN B 325 -22.69 -19.05 11.92
C GLN B 325 -22.77 -17.56 12.19
N VAL B 326 -22.11 -16.79 11.34
CA VAL B 326 -21.95 -15.38 11.55
C VAL B 326 -22.16 -14.65 10.25
N LEU B 327 -23.00 -13.63 10.29
CA LEU B 327 -23.14 -12.71 9.19
C LEU B 327 -22.44 -11.40 9.63
N VAL B 328 -21.50 -10.94 8.84
CA VAL B 328 -20.80 -9.71 9.15
C VAL B 328 -20.72 -8.89 7.93
N GLY B 329 -20.65 -7.60 8.14
CA GLY B 329 -20.49 -6.74 7.03
C GLY B 329 -20.31 -5.35 7.48
N VAL B 330 -20.15 -4.49 6.49
CA VAL B 330 -19.84 -3.12 6.69
C VAL B 330 -20.70 -2.35 5.72
N VAL B 331 -20.76 -1.04 5.89
CA VAL B 331 -21.39 -0.18 4.91
C VAL B 331 -20.27 0.40 4.07
N LYS B 332 -20.63 1.05 2.96
CA LYS B 332 -19.63 1.54 2.02
C LYS B 332 -18.80 2.66 2.65
N ASP B 333 -19.33 3.35 3.64
CA ASP B 333 -18.62 4.48 4.17
C ASP B 333 -18.59 4.51 5.67
N GLU B 334 -18.10 3.40 6.23
CA GLU B 334 -18.00 3.26 7.65
C GLU B 334 -17.50 4.51 8.33
N GLY B 335 -16.58 5.21 7.71
CA GLY B 335 -15.89 6.27 8.39
C GLY B 335 -16.40 7.68 8.25
N SER B 336 -17.34 7.90 7.34
CA SER B 336 -17.68 9.27 6.99
C SER B 336 -18.38 9.96 8.16
N TYR B 337 -19.34 9.25 8.75
CA TYR B 337 -20.17 9.76 9.83
C TYR B 337 -19.36 10.43 10.91
N PHE B 338 -18.23 9.83 11.26
CA PHE B 338 -17.48 10.23 12.44
C PHE B 338 -16.64 11.45 12.26
N LEU B 339 -16.31 11.72 11.00
CA LEU B 339 -15.44 12.82 10.64
C LEU B 339 -16.03 14.17 11.10
N VAL B 340 -17.35 14.30 10.98
CA VAL B 340 -18.06 15.54 11.36
C VAL B 340 -18.04 15.84 12.87
N TYR B 341 -17.59 14.89 13.67
CA TYR B 341 -17.58 15.02 15.12
C TYR B 341 -16.18 15.16 15.74
N GLY B 342 -15.30 15.92 15.09
CA GLY B 342 -13.99 16.16 15.70
C GLY B 342 -12.84 16.19 14.71
N VAL B 343 -13.15 15.97 13.44
CA VAL B 343 -12.15 16.12 12.40
C VAL B 343 -12.37 17.42 11.67
N PRO B 344 -11.50 18.42 11.96
CA PRO B 344 -11.53 19.72 11.32
C PRO B 344 -11.65 19.57 9.81
N GLY B 345 -12.61 20.29 9.23
CA GLY B 345 -12.77 20.34 7.78
C GLY B 345 -13.96 19.54 7.35
N PHE B 346 -14.54 18.78 8.28
CA PHE B 346 -15.66 17.93 7.92
C PHE B 346 -16.94 18.43 8.51
N SER B 347 -17.99 18.32 7.71
CA SER B 347 -19.26 18.90 8.03
C SER B 347 -20.27 18.32 7.09
N LYS B 348 -21.46 18.05 7.62
CA LYS B 348 -22.58 17.65 6.80
C LYS B 348 -23.00 18.78 5.87
N ASP B 349 -22.55 19.98 6.19
CA ASP B 349 -23.11 21.19 5.58
C ASP B 349 -22.40 21.61 4.31
N ASN B 350 -21.07 21.66 4.34
CA ASN B 350 -20.29 21.80 3.11
C ASN B 350 -19.94 20.41 2.53
N GLU B 351 -19.08 20.37 1.51
CA GLU B 351 -18.66 19.10 0.91
C GLU B 351 -17.42 18.49 1.58
N SER B 352 -16.92 19.16 2.61
CA SER B 352 -15.79 18.67 3.41
C SER B 352 -14.58 18.31 2.56
N LEU B 353 -14.38 19.06 1.47
CA LEU B 353 -13.17 18.95 0.69
C LEU B 353 -12.03 19.47 1.56
N ILE B 354 -11.20 18.58 2.04
CA ILE B 354 -10.16 18.94 3.01
C ILE B 354 -8.79 19.06 2.36
N SER B 355 -7.91 19.80 3.02
CA SER B 355 -6.55 19.99 2.54
C SER B 355 -5.70 18.81 2.99
N ARG B 356 -4.55 18.63 2.33
CA ARG B 356 -3.54 17.71 2.79
C ARG B 356 -3.31 17.81 4.30
N ALA B 357 -3.08 19.03 4.82
CA ALA B 357 -2.68 19.19 6.24
C ALA B 357 -3.79 18.72 7.16
N GLN B 358 -5.01 19.02 6.76
CA GLN B 358 -6.22 18.63 7.48
C GLN B 358 -6.40 17.11 7.44
N PHE B 359 -5.89 16.49 6.37
CA PHE B 359 -5.86 15.05 6.26
C PHE B 359 -4.86 14.45 7.24
N LEU B 360 -3.67 15.03 7.36
CA LEU B 360 -2.66 14.47 8.27
C LEU B 360 -3.10 14.60 9.72
N ALA B 361 -3.75 15.73 10.00
CA ALA B 361 -4.23 16.03 11.33
C ALA B 361 -5.44 15.17 11.61
N GLY B 362 -6.34 15.13 10.62
CA GLY B 362 -7.51 14.26 10.64
C GLY B 362 -7.17 12.83 11.00
N VAL B 363 -6.08 12.32 10.41
CA VAL B 363 -5.55 10.97 10.69
C VAL B 363 -5.08 10.78 12.14
N ARG B 364 -4.48 11.80 12.75
CA ARG B 364 -4.07 11.71 14.17
C ARG B 364 -5.28 11.57 15.05
N ILE B 365 -6.41 12.15 14.60
CA ILE B 365 -7.68 12.09 15.34
C ILE B 365 -8.41 10.78 15.06
N GLY B 366 -8.31 10.32 13.81
CA GLY B 366 -8.88 9.03 13.40
C GLY B 366 -8.11 7.85 13.94
N VAL B 367 -6.81 7.99 14.05
CA VAL B 367 -5.98 6.91 14.58
C VAL B 367 -5.27 7.51 15.78
N PRO B 368 -6.01 7.70 16.87
CA PRO B 368 -5.47 8.49 17.96
C PRO B 368 -4.36 7.74 18.67
N GLN B 369 -4.35 6.42 18.50
CA GLN B 369 -3.38 5.58 19.17
C GLN B 369 -2.08 5.55 18.39
N ALA B 370 -2.05 6.23 17.25
CA ALA B 370 -0.93 6.17 16.33
C ALA B 370 0.24 7.05 16.71
N SER B 371 1.44 6.45 16.68
CA SER B 371 2.68 7.19 16.72
C SER B 371 2.75 8.01 15.44
N ASP B 372 3.71 8.93 15.35
CA ASP B 372 3.84 9.77 14.16
C ASP B 372 4.06 8.89 12.96
N LEU B 373 4.87 7.85 13.16
CA LEU B 373 5.25 6.95 12.10
C LEU B 373 4.07 6.12 11.63
N ALA B 374 3.38 5.49 12.58
CA ALA B 374 2.13 4.80 12.25
C ALA B 374 1.17 5.73 11.50
N ALA B 375 1.06 6.98 11.95
CA ALA B 375 0.16 7.94 11.31
C ALA B 375 0.66 8.31 9.92
N GLU B 376 1.96 8.47 9.77
CA GLU B 376 2.55 8.69 8.46
C GLU B 376 2.29 7.50 7.56
N ALA B 377 2.52 6.30 8.10
CA ALA B 377 2.26 5.07 7.36
C ALA B 377 0.85 5.11 6.82
N VAL B 378 -0.10 5.49 7.67
CA VAL B 378 -1.49 5.57 7.29
C VAL B 378 -1.64 6.58 6.20
N VAL B 379 -1.17 7.80 6.45
CA VAL B 379 -1.28 8.88 5.48
C VAL B 379 -0.68 8.48 4.15
N LEU B 380 0.52 7.89 4.19
CA LEU B 380 1.21 7.55 2.96
C LEU B 380 0.46 6.45 2.26
N HIS B 381 -0.18 5.59 3.04
CA HIS B 381 -0.99 4.52 2.48
C HIS B 381 -2.24 5.02 1.84
N TYR B 382 -2.92 5.95 2.51
CA TYR B 382 -4.22 6.43 2.00
C TYR B 382 -4.15 7.59 1.03
N THR B 383 -3.05 8.31 1.04
CA THR B 383 -2.87 9.30 0.00
C THR B 383 -2.88 8.57 -1.34
N ASP B 384 -3.76 9.01 -2.24
CA ASP B 384 -3.63 8.64 -3.64
C ASP B 384 -2.50 9.49 -4.23
N TRP B 385 -1.37 8.87 -4.52
CA TRP B 385 -0.21 9.63 -4.99
C TRP B 385 -0.31 10.16 -6.41
N LEU B 386 -1.26 9.64 -7.19
CA LEU B 386 -1.58 10.22 -8.50
C LEU B 386 -2.26 11.58 -8.27
N HIS B 387 -2.89 11.73 -7.10
CA HIS B 387 -3.64 12.94 -6.75
C HIS B 387 -3.44 13.30 -5.27
N PRO B 388 -2.17 13.53 -4.87
CA PRO B 388 -1.82 13.63 -3.46
C PRO B 388 -2.53 14.72 -2.68
N GLU B 389 -2.92 15.80 -3.35
CA GLU B 389 -3.49 16.97 -2.66
C GLU B 389 -4.92 17.23 -3.05
N ASP B 390 -5.45 16.41 -3.94
CA ASP B 390 -6.83 16.53 -4.32
C ASP B 390 -7.71 16.36 -3.07
N PRO B 391 -8.53 17.37 -2.78
CA PRO B 391 -9.30 17.36 -1.53
C PRO B 391 -10.42 16.30 -1.51
N THR B 392 -11.00 15.97 -2.66
CA THR B 392 -12.02 14.90 -2.73
C THR B 392 -11.43 13.56 -2.32
N HIS B 393 -10.29 13.22 -2.91
CA HIS B 393 -9.55 12.01 -2.53
C HIS B 393 -9.22 12.04 -1.04
N LEU B 394 -8.72 13.16 -0.55
CA LEU B 394 -8.26 13.25 0.83
C LEU B 394 -9.41 13.11 1.82
N ARG B 395 -10.56 13.66 1.45
CA ARG B 395 -11.75 13.57 2.27
C ARG B 395 -12.20 12.12 2.28
N ASP B 396 -12.36 11.53 1.10
CA ASP B 396 -12.74 10.13 0.96
C ASP B 396 -11.77 9.19 1.65
N ALA B 397 -10.48 9.56 1.65
CA ALA B 397 -9.43 8.80 2.31
C ALA B 397 -9.53 8.90 3.81
N MET B 398 -9.83 10.10 4.29
CA MET B 398 -10.03 10.33 5.72
C MET B 398 -11.16 9.44 6.21
N SER B 399 -12.24 9.41 5.44
CA SER B 399 -13.34 8.56 5.71
C SER B 399 -12.85 7.11 5.72
N ALA B 400 -12.21 6.72 4.62
CA ALA B 400 -11.64 5.41 4.45
C ALA B 400 -10.78 5.02 5.64
N VAL B 401 -9.86 5.89 6.03
CA VAL B 401 -9.00 5.62 7.16
C VAL B 401 -9.87 5.22 8.35
N VAL B 402 -10.80 6.09 8.67
CA VAL B 402 -11.57 5.92 9.89
C VAL B 402 -12.40 4.65 9.81
N GLY B 403 -13.03 4.43 8.64
CA GLY B 403 -13.84 3.25 8.41
C GLY B 403 -13.03 1.96 8.44
N ASP B 404 -11.87 1.97 7.80
CA ASP B 404 -11.09 0.77 7.66
C ASP B 404 -10.52 0.45 9.04
N HIS B 405 -9.89 1.45 9.63
CA HIS B 405 -9.27 1.28 10.90
C HIS B 405 -10.27 0.73 11.91
N ASN B 406 -11.50 1.23 11.86
CA ASN B 406 -12.45 1.00 12.93
C ASN B 406 -13.45 -0.09 12.66
N VAL B 407 -13.89 -0.20 11.42
CA VAL B 407 -14.91 -1.19 11.12
C VAL B 407 -14.43 -2.20 10.08
N VAL B 408 -14.09 -1.73 8.90
CA VAL B 408 -13.85 -2.63 7.78
C VAL B 408 -12.75 -3.63 8.11
N CYS B 409 -11.60 -3.14 8.55
CA CYS B 409 -10.53 -4.07 8.82
C CYS B 409 -10.77 -4.89 10.08
N PRO B 410 -11.27 -4.29 11.17
CA PRO B 410 -11.72 -5.18 12.22
C PRO B 410 -12.68 -6.26 11.72
N VAL B 411 -13.64 -5.90 10.86
CA VAL B 411 -14.57 -6.90 10.31
C VAL B 411 -13.81 -7.98 9.54
N ALA B 412 -12.90 -7.56 8.66
CA ALA B 412 -12.16 -8.49 7.82
C ALA B 412 -11.38 -9.44 8.70
N GLN B 413 -10.76 -8.88 9.73
CA GLN B 413 -10.03 -9.66 10.71
C GLN B 413 -10.94 -10.67 11.36
N LEU B 414 -12.07 -10.19 11.88
CA LEU B 414 -13.02 -11.05 12.53
C LEU B 414 -13.50 -12.12 11.56
N ALA B 415 -13.89 -11.68 10.38
CA ALA B 415 -14.39 -12.57 9.35
C ALA B 415 -13.36 -13.67 9.12
N GLY B 416 -12.12 -13.27 8.92
CA GLY B 416 -11.06 -14.20 8.63
C GLY B 416 -10.82 -15.12 9.80
N ARG B 417 -10.68 -14.55 11.00
CA ARG B 417 -10.44 -15.39 12.16
C ARG B 417 -11.58 -16.37 12.41
N LEU B 418 -12.82 -15.90 12.32
CA LEU B 418 -13.94 -16.82 12.52
C LEU B 418 -13.95 -17.92 11.46
N ALA B 419 -13.71 -17.54 10.20
CA ALA B 419 -13.72 -18.53 9.12
C ALA B 419 -12.61 -19.56 9.36
N ALA B 420 -11.42 -19.08 9.70
CA ALA B 420 -10.26 -19.92 9.89
C ALA B 420 -10.47 -20.86 11.06
N GLN B 421 -11.28 -20.43 12.02
CA GLN B 421 -11.48 -21.24 13.19
C GLN B 421 -12.82 -21.92 13.23
N GLY B 422 -13.34 -22.26 12.03
CA GLY B 422 -14.51 -23.14 11.88
C GLY B 422 -15.87 -22.49 11.69
N ALA B 423 -15.99 -21.21 12.02
CA ALA B 423 -17.26 -20.51 11.87
C ALA B 423 -17.69 -20.47 10.42
N ARG B 424 -18.97 -20.70 10.17
CA ARG B 424 -19.55 -20.35 8.89
C ARG B 424 -19.77 -18.84 8.92
N VAL B 425 -19.21 -18.16 7.94
CA VAL B 425 -19.25 -16.70 7.91
C VAL B 425 -19.78 -16.21 6.58
N TYR B 426 -20.69 -15.25 6.63
CA TYR B 426 -21.14 -14.53 5.45
C TYR B 426 -20.83 -13.08 5.66
N ALA B 427 -20.22 -12.49 4.65
CA ALA B 427 -19.81 -11.11 4.76
C ALA B 427 -20.49 -10.31 3.69
N TYR B 428 -20.72 -9.05 4.00
CA TYR B 428 -21.37 -8.17 3.06
C TYR B 428 -20.74 -6.80 3.16
N ILE B 429 -20.99 -6.00 2.13
CA ILE B 429 -20.75 -4.59 2.17
C ILE B 429 -22.07 -4.03 1.69
N PHE B 430 -22.63 -3.15 2.49
CA PHE B 430 -23.90 -2.55 2.18
C PHE B 430 -23.59 -1.23 1.49
N GLU B 431 -24.01 -1.10 0.24
CA GLU B 431 -23.57 0.03 -0.56
C GLU B 431 -24.71 0.92 -1.02
N HIS B 432 -25.93 0.53 -0.64
CA HIS B 432 -27.06 1.34 -1.01
C HIS B 432 -27.26 2.51 -0.10
N ARG B 433 -27.16 3.71 -0.66
CA ARG B 433 -27.41 4.94 0.08
C ARG B 433 -28.90 5.24 0.04
N ALA B 434 -29.52 5.26 1.22
CA ALA B 434 -30.94 5.52 1.38
C ALA B 434 -31.30 6.80 0.66
N SER B 435 -32.37 6.73 -0.14
CA SER B 435 -32.81 7.88 -0.91
C SER B 435 -33.20 9.01 0.05
N THR B 436 -33.71 8.61 1.22
CA THR B 436 -34.20 9.55 2.22
C THR B 436 -33.11 10.10 3.15
N LEU B 437 -31.85 9.76 2.85
CA LEU B 437 -30.74 10.06 3.75
C LEU B 437 -30.53 11.55 3.84
N THR B 438 -30.48 12.06 5.06
CA THR B 438 -30.36 13.49 5.26
C THR B 438 -28.90 13.97 5.33
N TRP B 439 -27.97 13.02 5.33
CA TRP B 439 -26.54 13.36 5.31
C TRP B 439 -26.11 13.69 3.88
N PRO B 440 -25.06 14.50 3.73
CA PRO B 440 -24.64 14.88 2.38
C PRO B 440 -24.01 13.72 1.61
N LEU B 441 -24.12 13.77 0.28
CA LEU B 441 -23.67 12.69 -0.60
C LEU B 441 -22.26 12.17 -0.30
N TRP B 442 -21.39 13.04 0.16
CA TRP B 442 -19.99 12.68 0.31
C TRP B 442 -19.80 11.63 1.40
N MET B 443 -20.75 11.58 2.32
CA MET B 443 -20.70 10.59 3.39
C MET B 443 -21.14 9.23 2.87
N GLY B 444 -21.51 9.19 1.59
CA GLY B 444 -21.99 7.99 0.95
C GLY B 444 -22.98 7.23 1.80
N VAL B 445 -22.67 5.97 2.08
CA VAL B 445 -23.46 5.14 2.97
C VAL B 445 -22.77 5.14 4.30
N PRO B 446 -23.26 5.97 5.24
CA PRO B 446 -22.62 6.03 6.54
C PRO B 446 -23.02 4.88 7.44
N HIS B 447 -22.15 4.64 8.41
CA HIS B 447 -22.37 3.80 9.55
C HIS B 447 -23.81 3.92 10.02
N GLY B 448 -24.52 2.80 10.03
CA GLY B 448 -25.83 2.76 10.65
C GLY B 448 -26.99 2.82 9.66
N TYR B 449 -26.70 3.28 8.46
CA TYR B 449 -27.76 3.52 7.48
C TYR B 449 -28.12 2.33 6.62
N GLU B 450 -27.82 1.14 7.12
CA GLU B 450 -28.32 -0.08 6.56
C GLU B 450 -29.42 -0.59 7.49
N ILE B 451 -29.38 -0.17 8.75
CA ILE B 451 -30.29 -0.70 9.72
C ILE B 451 -31.74 -0.56 9.24
N GLU B 452 -32.12 0.65 8.84
CA GLU B 452 -33.48 0.93 8.40
C GLU B 452 -33.93 -0.06 7.35
N PHE B 453 -33.01 -0.50 6.50
CA PHE B 453 -33.31 -1.51 5.48
C PHE B 453 -33.44 -2.91 6.00
N ILE B 454 -32.46 -3.38 6.76
CA ILE B 454 -32.54 -4.69 7.41
C ILE B 454 -33.83 -4.81 8.18
N PHE B 455 -34.15 -3.76 8.93
CA PHE B 455 -35.34 -3.75 9.75
C PHE B 455 -36.63 -3.66 8.94
N GLY B 456 -36.52 -3.22 7.70
CA GLY B 456 -37.64 -3.25 6.77
C GLY B 456 -38.50 -2.01 6.73
N LEU B 457 -37.92 -0.88 7.09
CA LEU B 457 -38.65 0.38 7.18
C LEU B 457 -39.14 0.86 5.82
N PRO B 458 -38.33 0.67 4.77
CA PRO B 458 -38.88 0.95 3.46
C PRO B 458 -40.23 0.29 3.17
N LEU B 459 -40.61 -0.72 3.94
CA LEU B 459 -41.89 -1.38 3.69
C LEU B 459 -43.06 -0.55 4.19
N ASP B 460 -42.76 0.49 4.96
CA ASP B 460 -43.74 1.41 5.46
C ASP B 460 -43.88 2.49 4.41
N PRO B 461 -44.98 2.46 3.65
CA PRO B 461 -45.10 3.33 2.46
C PRO B 461 -44.92 4.81 2.84
N SER B 462 -45.41 5.17 4.04
CA SER B 462 -45.39 6.54 4.53
C SER B 462 -43.98 7.10 4.70
N LEU B 463 -42.97 6.26 4.51
CA LEU B 463 -41.61 6.72 4.80
C LEU B 463 -40.85 7.29 3.61
N ASN B 464 -41.44 7.19 2.42
CA ASN B 464 -40.91 7.86 1.22
C ASN B 464 -39.69 7.18 0.60
N TYR B 465 -39.43 5.94 0.99
CA TYR B 465 -38.39 5.16 0.36
C TYR B 465 -38.89 4.78 -1.01
N THR B 466 -38.00 4.70 -1.99
CA THR B 466 -38.37 4.29 -3.35
C THR B 466 -38.87 2.83 -3.33
N THR B 467 -39.57 2.39 -4.37
CA THR B 467 -40.03 1.01 -4.40
C THR B 467 -38.86 0.05 -4.65
N GLU B 468 -37.80 0.54 -5.29
CA GLU B 468 -36.57 -0.24 -5.44
C GLU B 468 -36.02 -0.51 -4.02
N GLU B 469 -36.14 0.48 -3.15
CA GLU B 469 -35.74 0.36 -1.76
C GLU B 469 -36.61 -0.59 -0.96
N ARG B 470 -37.93 -0.50 -1.14
CA ARG B 470 -38.85 -1.43 -0.50
C ARG B 470 -38.46 -2.86 -0.84
N ILE B 471 -38.13 -3.08 -2.11
CA ILE B 471 -37.78 -4.42 -2.63
C ILE B 471 -36.45 -4.89 -2.03
N PHE B 472 -35.52 -3.95 -1.94
CA PHE B 472 -34.21 -4.14 -1.35
C PHE B 472 -34.34 -4.48 0.13
N ALA B 473 -35.11 -3.69 0.87
CA ALA B 473 -35.37 -3.99 2.25
C ALA B 473 -35.92 -5.41 2.36
N GLN B 474 -36.78 -5.81 1.45
CA GLN B 474 -37.36 -7.15 1.50
C GLN B 474 -36.29 -8.21 1.29
N ARG B 475 -35.36 -7.93 0.37
CA ARG B 475 -34.27 -8.83 0.12
C ARG B 475 -33.45 -8.97 1.40
N LEU B 476 -33.14 -7.86 2.03
CA LEU B 476 -32.27 -7.85 3.20
C LEU B 476 -32.92 -8.51 4.38
N MET B 477 -34.21 -8.25 4.57
CA MET B 477 -34.93 -8.91 5.63
C MET B 477 -34.94 -10.37 5.38
N LYS B 478 -34.95 -10.75 4.10
CA LYS B 478 -34.92 -12.16 3.72
C LYS B 478 -33.58 -12.76 4.08
N TYR B 479 -32.51 -12.04 3.76
CA TYR B 479 -31.17 -12.53 4.05
C TYR B 479 -31.01 -12.69 5.54
N TRP B 480 -31.34 -11.63 6.28
CA TRP B 480 -31.16 -11.62 7.72
C TRP B 480 -31.94 -12.73 8.40
N THR B 481 -33.20 -12.89 8.01
CA THR B 481 -34.05 -13.86 8.65
C THR B 481 -33.73 -15.25 8.13
N ASN B 482 -33.33 -15.34 6.87
CA ASN B 482 -32.89 -16.65 6.39
C ASN B 482 -31.68 -17.02 7.14
N PHE B 483 -30.81 -16.03 7.31
CA PHE B 483 -29.67 -16.27 8.12
C PHE B 483 -30.12 -16.71 9.50
N ALA B 484 -31.09 -15.99 10.08
CA ALA B 484 -31.57 -16.35 11.39
C ALA B 484 -32.11 -17.76 11.42
N ARG B 485 -32.90 -18.12 10.41
CA ARG B 485 -33.58 -19.43 10.40
C ARG B 485 -32.60 -20.57 10.29
N THR B 486 -31.57 -20.40 9.47
CA THR B 486 -30.83 -21.51 8.91
C THR B 486 -29.33 -21.36 9.04
N GLY B 487 -28.88 -20.17 9.44
CA GLY B 487 -27.44 -19.88 9.49
C GLY B 487 -26.89 -19.63 8.11
N ASP B 488 -27.78 -19.55 7.11
CA ASP B 488 -27.42 -19.31 5.72
C ASP B 488 -28.34 -18.22 5.16
N PRO B 489 -27.77 -17.09 4.69
CA PRO B 489 -28.66 -16.01 4.32
C PRO B 489 -29.27 -16.21 2.95
N ASN B 490 -28.93 -17.30 2.28
CA ASN B 490 -29.43 -17.52 0.93
C ASN B 490 -30.85 -18.03 0.97
N ASP B 491 -31.62 -17.58 -0.01
CA ASP B 491 -33.03 -17.89 -0.13
C ASP B 491 -33.18 -19.22 -0.87
N PRO B 492 -33.65 -20.28 -0.16
CA PRO B 492 -33.86 -21.57 -0.86
C PRO B 492 -35.02 -21.49 -1.88
N ARG B 493 -36.11 -20.82 -1.49
CA ARG B 493 -37.19 -20.45 -2.43
C ARG B 493 -36.66 -19.43 -3.48
N ASP B 494 -35.38 -19.56 -3.82
CA ASP B 494 -34.77 -18.81 -4.91
C ASP B 494 -33.53 -19.55 -5.39
N SER B 495 -33.11 -19.22 -6.62
CA SER B 495 -31.97 -19.84 -7.27
C SER B 495 -31.06 -18.77 -7.90
N LYS B 496 -29.75 -18.94 -7.65
CA LYS B 496 -28.66 -18.33 -8.43
C LYS B 496 -28.86 -16.86 -8.84
N SER B 497 -29.44 -16.06 -7.95
CA SER B 497 -29.66 -14.63 -8.26
C SER B 497 -28.72 -13.64 -7.55
N PRO B 498 -27.40 -13.98 -7.42
CA PRO B 498 -26.75 -15.29 -7.37
C PRO B 498 -26.52 -15.70 -5.92
N GLN B 499 -25.63 -16.66 -5.67
CA GLN B 499 -25.47 -17.17 -4.31
C GLN B 499 -24.50 -16.38 -3.47
N TRP B 500 -24.88 -16.17 -2.22
CA TRP B 500 -24.03 -15.55 -1.22
C TRP B 500 -23.10 -16.63 -0.66
N PRO B 501 -21.82 -16.58 -1.01
CA PRO B 501 -20.97 -17.66 -0.53
C PRO B 501 -20.47 -17.37 0.87
N PRO B 502 -20.17 -18.42 1.64
CA PRO B 502 -19.47 -18.16 2.89
C PRO B 502 -18.18 -17.37 2.66
N TYR B 503 -17.94 -16.36 3.49
CA TYR B 503 -16.63 -15.76 3.54
C TYR B 503 -15.67 -16.81 4.10
N THR B 504 -14.60 -17.04 3.35
CA THR B 504 -13.55 -17.97 3.73
C THR B 504 -12.26 -17.18 3.70
N THR B 505 -11.21 -17.74 4.28
CA THR B 505 -9.93 -17.04 4.34
C THR B 505 -9.23 -17.13 3.01
N ALA B 506 -9.44 -18.25 2.31
CA ALA B 506 -8.89 -18.42 0.98
C ALA B 506 -9.60 -17.49 0.01
N ALA B 507 -10.87 -17.78 -0.28
CA ALA B 507 -11.61 -17.03 -1.29
C ALA B 507 -11.96 -15.61 -0.83
N GLN B 508 -12.18 -15.41 0.46
CA GLN B 508 -12.51 -14.08 1.00
C GLN B 508 -13.70 -13.39 0.32
N GLN B 509 -14.69 -14.20 0.00
CA GLN B 509 -15.86 -13.75 -0.71
C GLN B 509 -16.87 -13.10 0.21
N TYR B 510 -17.43 -12.03 -0.30
CA TYR B 510 -18.48 -11.31 0.37
C TYR B 510 -19.36 -10.70 -0.71
N VAL B 511 -20.57 -10.31 -0.34
CA VAL B 511 -21.45 -9.77 -1.35
C VAL B 511 -21.64 -8.29 -1.11
N SER B 512 -21.91 -7.56 -2.18
CA SER B 512 -22.44 -6.24 -2.04
C SER B 512 -23.94 -6.35 -1.84
N LEU B 513 -24.42 -5.67 -0.81
CA LEU B 513 -25.85 -5.49 -0.64
C LEU B 513 -26.16 -4.11 -1.17
N ASN B 514 -26.91 -4.07 -2.28
CA ASN B 514 -27.38 -2.84 -2.90
C ASN B 514 -28.59 -3.16 -3.78
N LEU B 515 -28.98 -2.22 -4.63
CA LEU B 515 -30.21 -2.38 -5.41
C LEU B 515 -30.08 -3.48 -6.47
N LYS B 516 -28.89 -3.64 -7.04
CA LYS B 516 -28.61 -4.73 -7.99
C LYS B 516 -28.63 -6.07 -7.26
N PRO B 517 -28.71 -7.20 -7.99
CA PRO B 517 -28.54 -8.48 -7.30
C PRO B 517 -27.17 -8.64 -6.60
N LEU B 518 -27.07 -9.59 -5.67
CA LEU B 518 -25.80 -9.87 -5.02
C LEU B 518 -24.73 -9.96 -6.07
N GLU B 519 -23.64 -9.30 -5.79
CA GLU B 519 -22.47 -9.40 -6.59
C GLU B 519 -21.46 -9.96 -5.61
N VAL B 520 -20.79 -11.04 -5.98
CA VAL B 520 -19.77 -11.60 -5.10
C VAL B 520 -18.46 -10.90 -5.35
N ARG B 521 -17.85 -10.41 -4.30
CA ARG B 521 -16.57 -9.77 -4.39
C ARG B 521 -15.62 -10.57 -3.55
N ARG B 522 -14.34 -10.39 -3.79
CA ARG B 522 -13.37 -11.15 -3.05
C ARG B 522 -12.44 -10.18 -2.43
N GLY B 523 -12.19 -10.36 -1.13
CA GLY B 523 -11.19 -9.56 -0.45
C GLY B 523 -11.85 -8.31 0.03
N LEU B 524 -11.98 -8.22 1.33
CA LEU B 524 -12.66 -7.13 1.97
C LEU B 524 -11.57 -6.13 2.33
N ARG B 525 -11.31 -5.22 1.38
CA ARG B 525 -10.19 -4.28 1.44
C ARG B 525 -8.96 -5.04 1.85
N ALA B 526 -8.63 -6.09 1.11
CA ALA B 526 -7.63 -7.06 1.56
C ALA B 526 -6.27 -6.42 1.76
N GLN B 527 -5.84 -5.61 0.79
CA GLN B 527 -4.53 -4.95 0.83
C GLN B 527 -4.48 -3.98 1.98
N THR B 528 -5.49 -3.12 2.02
CA THR B 528 -5.56 -2.10 3.02
C THR B 528 -5.72 -2.72 4.40
N CYS B 529 -6.54 -3.77 4.49
CA CYS B 529 -6.69 -4.41 5.79
C CYS B 529 -5.43 -5.12 6.25
N ALA B 530 -4.66 -5.63 5.29
CA ALA B 530 -3.33 -6.17 5.57
C ALA B 530 -2.48 -5.11 6.27
N PHE B 531 -2.54 -3.89 5.75
CA PHE B 531 -1.86 -2.80 6.40
C PHE B 531 -2.30 -2.60 7.86
N TRP B 532 -3.62 -2.59 8.08
CA TRP B 532 -4.20 -2.32 9.39
C TRP B 532 -4.06 -3.47 10.33
N ASN B 533 -4.32 -4.68 9.83
CA ASN B 533 -4.37 -5.86 10.68
C ASN B 533 -3.01 -6.51 10.86
N ARG B 534 -2.14 -6.36 9.87
CA ARG B 534 -0.86 -7.05 9.96
C ARG B 534 0.32 -6.11 10.19
N PHE B 535 0.35 -5.00 9.47
CA PHE B 535 1.50 -4.16 9.54
C PHE B 535 1.41 -3.18 10.67
N LEU B 536 0.29 -2.48 10.73
CA LEU B 536 0.10 -1.49 11.76
C LEU B 536 0.42 -2.01 13.18
N PRO B 537 -0.11 -3.20 13.58
CA PRO B 537 0.27 -3.73 14.89
C PRO B 537 1.78 -3.94 15.02
N LYS B 538 2.44 -4.45 13.98
CA LYS B 538 3.88 -4.65 13.99
C LYS B 538 4.62 -3.34 14.15
N LEU B 539 4.13 -2.30 13.48
CA LEU B 539 4.72 -0.98 13.61
C LEU B 539 4.68 -0.56 15.07
N LEU B 540 3.47 -0.37 15.58
CA LEU B 540 3.24 0.06 16.97
C LEU B 540 3.91 -0.90 17.99
N SER B 541 3.85 -2.22 17.76
CA SER B 541 4.51 -3.17 18.66
C SER B 541 6.03 -3.20 18.44
N ALA B 542 6.57 -2.00 18.28
CA ALA B 542 8.00 -1.68 18.10
C ALA B 542 8.03 -0.15 17.95
N THR B 543 6.99 0.48 18.52
CA THR B 543 6.61 1.91 18.34
C THR B 543 6.84 2.50 16.91
N ALA B 544 7.79 1.94 16.16
O3 HLO C . 29.47 -5.93 -7.24
C14 HLO C . 29.90 -7.06 -7.33
N4 HLO C . 31.04 -7.40 -6.74
C11 HLO C . 29.13 -8.05 -8.12
C10 HLO C . 29.80 -8.94 -8.95
C9 HLO C . 29.06 -9.85 -9.69
N3 HLO C . 27.72 -9.85 -9.62
C13 HLO C . 27.06 -8.98 -8.83
C12 HLO C . 27.75 -8.05 -8.06
C8 HLO C . 26.96 -10.81 -10.41
O2 HLO C . 25.61 -10.39 -10.40
C7 HLO C . 24.83 -11.08 -11.35
N2 HLO C . 24.21 -10.17 -12.30
C2 HLO C . 23.19 -9.34 -11.94
C1 HLO C . 22.67 -9.36 -10.55
N1 HLO C . 23.30 -8.85 -9.58
O1 HLO C . 22.79 -8.88 -8.28
C3 HLO C . 22.63 -8.49 -12.91
C4 HLO C . 23.11 -8.49 -14.23
C5 HLO C . 24.17 -9.36 -14.56
C6 HLO C . 24.68 -10.19 -13.57
C22 HLO C . 22.54 -7.60 -15.30
N5 HLO C . 22.82 -7.78 -16.54
O4 HLO C . 22.30 -6.99 -17.57
O3 HLO D . -20.38 13.16 26.48
C14 HLO D . -20.39 12.11 25.85
N4 HLO D . -20.62 10.94 26.47
C11 HLO D . -20.16 12.12 24.36
C10 HLO D . -19.72 13.28 23.70
C9 HLO D . -19.52 13.22 22.32
N3 HLO D . -19.75 12.07 21.63
C13 HLO D . -20.18 10.96 22.25
C12 HLO D . -20.39 10.96 23.63
C8 HLO D . -19.55 12.03 20.19
O2 HLO D . -20.57 11.21 19.64
C7 HLO D . -20.99 11.66 18.36
N2 HLO D . -21.25 10.50 17.50
C2 HLO D . -20.22 9.77 17.00
C1 HLO D . -18.81 10.12 17.30
N1 HLO D . -17.80 9.55 16.77
O1 HLO D . -16.51 9.95 17.10
C3 HLO D . -20.49 8.66 16.20
C4 HLO D . -21.80 8.30 15.91
C5 HLO D . -22.85 9.07 16.44
C6 HLO D . -22.53 10.17 17.23
C22 HLO D . -22.06 7.12 15.06
N5 HLO D . -22.74 7.18 13.99
O4 HLO D . -22.98 6.05 13.19
O1 P6G E . -2.86 1.27 -1.05
C2 P6G E . -1.54 1.21 -0.81
C3 P6G E . -0.80 2.28 -0.52
O4 P6G E . 0.63 2.16 -0.28
C5 P6G E . 1.47 3.35 -0.26
C6 P6G E . 2.24 3.70 0.79
O7 P6G E . 2.29 2.91 2.01
C8 P6G E . 2.90 3.46 3.21
C9 P6G E . 3.21 2.65 4.24
O10 P6G E . 2.98 1.22 4.15
C11 P6G E . 3.29 0.38 5.27
C12 P6G E . 3.43 -1.07 4.83
O13 P6G E . 2.22 -1.54 4.23
C14 P6G E . 1.68 -2.89 4.40
C15 P6G E . 0.64 -3.29 3.66
O16 P6G E . 0.01 -2.39 2.70
C17 P6G E . -0.53 -2.86 1.42
C18 P6G E . -0.27 -2.20 0.28
O19 P6G E . -0.77 -2.64 -0.87
#